data_1FTX
#
_entry.id   1FTX
#
_cell.length_a   98.759
_cell.length_b   89.931
_cell.length_c   85.235
_cell.angle_alpha   90.00
_cell.angle_beta   90.00
_cell.angle_gamma   90.00
#
_symmetry.space_group_name_H-M   'P 21 21 21'
#
loop_
_entity.id
_entity.type
_entity.pdbx_description
1 polymer 'ALANINE RACEMASE'
2 non-polymer '(1S)-1-[((1E)-{3-HYDROXY-2-METHYL-5-[(PHOSPHONOOXY)METHYL]PYRIDIN-4-YL}METHYLENE)AMINO]ETHYLPHOSPHONIC ACID'
3 water water
#
_entity_poly.entity_id   1
_entity_poly.type   'polypeptide(L)'
_entity_poly.pdbx_seq_one_letter_code
;NDFHRDTWAEVDLDAIYDNVENLRRLLPDDTHIMAVVKANAYGHGDVQVARTALEAGASRLAVAFLDEALALREKGIEAP
ILVLGASRPADAALAAQQRIALTVFRSDWLEEASALYSGPFPIHFHL(KCX)MDTGMGRLGVKDEEETKRIVALIERHPH
FVLEGLYTHFATADEVNTDYFSYQYTRFLHMLEWLPSRPPLVHCANSAASLRFPDRTFNMVRFGIAMYGLAPSPGIKPLL
PYPLKEAFSLHSRLVHVKKLQPGEKVSYGATYTAQTEEWIGTIPIGYADGWLRRLQHFHVLVDGQKAPIVGRICMDQCMI
RLPGPLPVGTKVTLIGRQGDEVISIDDVARHLETINYEVPCTISYRVPRIFFRHKRIMEVRNAIGRGESSA
;
_entity_poly.pdbx_strand_id   A,B
#
# COMPACT_ATOMS: atom_id res chain seq x y z
N ASN A 1 -7.63 0.45 20.70
CA ASN A 1 -6.93 1.30 19.69
C ASN A 1 -7.87 2.38 19.16
N ASP A 2 -7.31 3.48 18.65
CA ASP A 2 -8.15 4.57 18.14
C ASP A 2 -7.68 5.15 16.81
N PHE A 3 -8.57 5.86 16.13
CA PHE A 3 -8.22 6.51 14.86
C PHE A 3 -8.94 7.86 14.74
N HIS A 4 -8.33 8.80 14.03
CA HIS A 4 -8.89 10.14 13.93
C HIS A 4 -9.24 10.71 12.56
N ARG A 5 -9.54 9.84 11.61
CA ARG A 5 -9.97 10.26 10.28
C ARG A 5 -11.20 9.39 10.01
N ASP A 6 -12.23 9.97 9.41
CA ASP A 6 -13.43 9.18 9.14
C ASP A 6 -13.36 8.33 7.88
N THR A 7 -12.39 7.43 7.86
CA THR A 7 -12.18 6.50 6.75
C THR A 7 -11.70 5.22 7.42
N TRP A 8 -12.40 4.12 7.19
CA TRP A 8 -12.01 2.87 7.82
C TRP A 8 -12.51 1.69 7.00
N ALA A 9 -11.89 0.53 7.23
CA ALA A 9 -12.26 -0.71 6.57
C ALA A 9 -12.80 -1.60 7.68
N GLU A 10 -13.77 -2.44 7.33
CA GLU A 10 -14.36 -3.34 8.31
C GLU A 10 -14.13 -4.76 7.86
N VAL A 11 -13.66 -5.60 8.79
CA VAL A 11 -13.40 -7.00 8.48
C VAL A 11 -14.36 -7.86 9.28
N ASP A 12 -15.21 -8.59 8.59
CA ASP A 12 -16.18 -9.44 9.25
C ASP A 12 -15.59 -10.81 9.54
N LEU A 13 -15.13 -11.03 10.78
CA LEU A 13 -14.55 -12.30 11.17
C LEU A 13 -15.56 -13.44 11.20
N ASP A 14 -16.85 -13.13 11.32
CA ASP A 14 -17.86 -14.18 11.31
C ASP A 14 -17.88 -14.82 9.93
N ALA A 15 -17.69 -14.00 8.90
CA ALA A 15 -17.68 -14.50 7.54
C ALA A 15 -16.50 -15.44 7.37
N ILE A 16 -15.35 -15.01 7.86
CA ILE A 16 -14.12 -15.81 7.77
C ILE A 16 -14.28 -17.14 8.48
N TYR A 17 -14.94 -17.13 9.64
CA TYR A 17 -15.16 -18.38 10.38
C TYR A 17 -15.99 -19.35 9.54
N ASP A 18 -17.05 -18.83 8.90
CA ASP A 18 -17.93 -19.65 8.08
C ASP A 18 -17.24 -20.21 6.85
N ASN A 19 -16.47 -19.38 6.16
CA ASN A 19 -15.76 -19.85 4.96
C ASN A 19 -14.81 -21.00 5.30
N VAL A 20 -14.09 -20.87 6.41
CA VAL A 20 -13.14 -21.91 6.81
C VAL A 20 -13.85 -23.16 7.37
N GLU A 21 -14.92 -22.95 8.14
CA GLU A 21 -15.63 -24.08 8.72
C GLU A 21 -16.35 -24.93 7.68
N ASN A 22 -16.80 -24.30 6.59
CA ASN A 22 -17.47 -25.03 5.54
C ASN A 22 -16.46 -25.91 4.81
N LEU A 23 -15.21 -25.45 4.74
CA LEU A 23 -14.16 -26.22 4.10
C LEU A 23 -13.88 -27.44 4.98
N ARG A 24 -13.74 -27.21 6.28
CA ARG A 24 -13.49 -28.26 7.25
C ARG A 24 -14.53 -29.38 7.07
N ARG A 25 -15.77 -28.99 6.77
CA ARG A 25 -16.84 -29.94 6.55
C ARG A 25 -16.63 -30.69 5.23
N LEU A 26 -16.33 -29.93 4.17
CA LEU A 26 -16.12 -30.48 2.84
C LEU A 26 -14.99 -31.50 2.72
N LEU A 27 -13.83 -31.20 3.28
CA LEU A 27 -12.67 -32.09 3.19
C LEU A 27 -12.75 -33.32 4.09
N PRO A 28 -12.03 -34.39 3.73
CA PRO A 28 -12.01 -35.60 4.55
C PRO A 28 -11.32 -35.24 5.86
N ASP A 29 -11.80 -35.77 6.97
CA ASP A 29 -11.25 -35.47 8.28
C ASP A 29 -9.75 -35.65 8.42
N ASP A 30 -9.17 -36.52 7.60
CA ASP A 30 -7.74 -36.78 7.66
C ASP A 30 -6.92 -35.74 6.89
N THR A 31 -7.61 -34.78 6.26
CA THR A 31 -6.92 -33.74 5.50
C THR A 31 -6.90 -32.44 6.31
N HIS A 32 -5.69 -31.95 6.61
CA HIS A 32 -5.54 -30.73 7.39
C HIS A 32 -5.72 -29.50 6.53
N ILE A 33 -6.01 -28.38 7.19
CA ILE A 33 -6.17 -27.11 6.52
C ILE A 33 -5.09 -26.13 6.98
N MET A 34 -4.32 -25.61 6.04
CA MET A 34 -3.30 -24.63 6.35
C MET A 34 -3.86 -23.32 5.81
N ALA A 35 -4.13 -22.38 6.71
CA ALA A 35 -4.67 -21.08 6.31
C ALA A 35 -3.51 -20.18 5.89
N VAL A 36 -3.59 -19.61 4.69
CA VAL A 36 -2.50 -18.74 4.27
C VAL A 36 -2.87 -17.29 4.55
N VAL A 37 -2.10 -16.71 5.46
CA VAL A 37 -2.33 -15.34 5.90
C VAL A 37 -1.20 -14.40 5.56
N LYS A 38 -0.49 -14.68 4.47
CA LYS A 38 0.61 -13.81 4.05
C LYS A 38 0.05 -12.43 3.70
N ALA A 39 0.95 -11.47 3.51
CA ALA A 39 0.56 -10.11 3.15
C ALA A 39 -0.47 -9.56 4.15
N ASN A 40 -0.20 -9.77 5.44
CA ASN A 40 -1.11 -9.31 6.50
C ASN A 40 -2.51 -9.85 6.25
N ALA A 41 -2.57 -11.13 5.90
CA ALA A 41 -3.81 -11.83 5.62
C ALA A 41 -4.57 -11.18 4.46
N TYR A 42 -3.89 -11.06 3.33
CA TYR A 42 -4.49 -10.46 2.14
C TYR A 42 -5.10 -9.11 2.53
N GLY A 43 -4.40 -8.38 3.39
CA GLY A 43 -4.86 -7.07 3.81
C GLY A 43 -6.00 -7.06 4.82
N HIS A 44 -6.36 -8.21 5.39
CA HIS A 44 -7.44 -8.28 6.38
C HIS A 44 -6.98 -8.26 7.86
N GLY A 45 -5.68 -8.37 8.12
CA GLY A 45 -5.21 -8.36 9.49
C GLY A 45 -4.69 -9.74 9.83
N ASP A 46 -3.37 -9.90 9.79
CA ASP A 46 -2.75 -11.20 10.04
C ASP A 46 -3.16 -11.99 11.28
N VAL A 47 -2.99 -11.43 12.48
CA VAL A 47 -3.31 -12.20 13.68
C VAL A 47 -4.79 -12.40 13.93
N GLN A 48 -5.60 -11.42 13.54
CA GLN A 48 -7.05 -11.53 13.73
C GLN A 48 -7.61 -12.68 12.88
N VAL A 49 -7.19 -12.74 11.62
CA VAL A 49 -7.66 -13.79 10.73
C VAL A 49 -7.10 -15.15 11.15
N ALA A 50 -5.82 -15.18 11.54
CA ALA A 50 -5.18 -16.41 11.99
C ALA A 50 -5.94 -17.02 13.16
N ARG A 51 -6.15 -16.24 14.22
CA ARG A 51 -6.89 -16.73 15.39
C ARG A 51 -8.21 -17.33 14.94
N THR A 52 -8.95 -16.58 14.12
CA THR A 52 -10.25 -17.02 13.64
C THR A 52 -10.18 -18.33 12.84
N ALA A 53 -9.28 -18.38 11.86
CA ALA A 53 -9.14 -19.59 11.05
C ALA A 53 -8.82 -20.81 11.89
N LEU A 54 -7.95 -20.65 12.89
CA LEU A 54 -7.59 -21.75 13.77
C LEU A 54 -8.80 -22.26 14.57
N GLU A 55 -9.68 -21.32 14.96
CA GLU A 55 -10.92 -21.64 15.69
C GLU A 55 -11.88 -22.48 14.84
N ALA A 56 -11.93 -22.17 13.54
CA ALA A 56 -12.84 -22.85 12.62
C ALA A 56 -12.38 -24.21 12.12
N GLY A 57 -11.15 -24.60 12.47
CA GLY A 57 -10.68 -25.89 12.01
C GLY A 57 -9.32 -25.94 11.33
N ALA A 58 -8.70 -24.78 11.14
CA ALA A 58 -7.37 -24.74 10.53
C ALA A 58 -6.35 -25.16 11.61
N SER A 59 -5.29 -25.85 11.21
CA SER A 59 -4.30 -26.31 12.17
C SER A 59 -2.92 -25.69 11.94
N ARG A 60 -2.70 -25.15 10.74
CA ARG A 60 -1.42 -24.51 10.44
C ARG A 60 -1.61 -23.20 9.68
N LEU A 61 -0.54 -22.42 9.60
CA LEU A 61 -0.59 -21.15 8.92
C LEU A 61 0.54 -21.07 7.93
N ALA A 62 0.34 -20.28 6.88
CA ALA A 62 1.36 -20.10 5.87
C ALA A 62 1.60 -18.61 5.70
N VAL A 63 2.86 -18.24 5.45
CA VAL A 63 3.19 -16.84 5.19
C VAL A 63 4.19 -16.79 4.03
N ALA A 64 4.43 -15.59 3.51
CA ALA A 64 5.33 -15.40 2.38
C ALA A 64 6.81 -15.44 2.73
N PHE A 65 7.21 -14.67 3.74
CA PHE A 65 8.60 -14.65 4.15
C PHE A 65 8.78 -14.64 5.66
N LEU A 66 10.02 -14.80 6.10
CA LEU A 66 10.32 -14.89 7.53
C LEU A 66 9.76 -13.80 8.46
N ASP A 67 9.93 -12.53 8.10
CA ASP A 67 9.42 -11.46 8.96
C ASP A 67 7.94 -11.63 9.28
N GLU A 68 7.16 -12.09 8.31
CA GLU A 68 5.71 -12.28 8.53
C GLU A 68 5.46 -13.35 9.58
N ALA A 69 6.26 -14.40 9.54
CA ALA A 69 6.13 -15.50 10.51
C ALA A 69 6.52 -15.02 11.91
N LEU A 70 7.62 -14.27 11.99
CA LEU A 70 8.11 -13.75 13.27
C LEU A 70 7.09 -12.78 13.89
N ALA A 71 6.43 -11.98 13.04
CA ALA A 71 5.41 -11.05 13.53
C ALA A 71 4.25 -11.81 14.17
N LEU A 72 3.89 -12.96 13.60
CA LEU A 72 2.79 -13.75 14.15
C LEU A 72 3.17 -14.35 15.51
N ARG A 73 4.45 -14.71 15.65
CA ARG A 73 4.92 -15.27 16.90
C ARG A 73 4.86 -14.20 18.00
N GLU A 74 5.35 -13.00 17.69
CA GLU A 74 5.34 -11.91 18.66
C GLU A 74 3.95 -11.54 19.10
N LYS A 75 2.95 -11.86 18.29
CA LYS A 75 1.58 -11.54 18.64
C LYS A 75 0.84 -12.69 19.32
N GLY A 76 1.58 -13.67 19.82
CA GLY A 76 0.95 -14.78 20.51
C GLY A 76 0.52 -16.03 19.77
N ILE A 77 0.79 -16.13 18.47
CA ILE A 77 0.38 -17.32 17.71
C ILE A 77 1.40 -18.42 17.92
N GLU A 78 0.94 -19.57 18.40
CA GLU A 78 1.84 -20.68 18.67
C GLU A 78 1.70 -21.85 17.68
N ALA A 79 0.72 -21.77 16.78
CA ALA A 79 0.50 -22.83 15.80
C ALA A 79 1.67 -22.94 14.84
N PRO A 80 1.77 -24.05 14.09
CA PRO A 80 2.87 -24.20 13.13
C PRO A 80 2.67 -23.18 12.01
N ILE A 81 3.78 -22.66 11.48
CA ILE A 81 3.76 -21.70 10.39
C ILE A 81 4.76 -22.13 9.35
N LEU A 82 4.35 -22.14 8.08
CA LEU A 82 5.26 -22.50 6.99
C LEU A 82 5.58 -21.26 6.20
N VAL A 83 6.86 -21.05 5.89
CA VAL A 83 7.23 -19.91 5.07
C VAL A 83 7.18 -20.48 3.66
N LEU A 84 6.32 -19.92 2.82
CA LEU A 84 6.15 -20.39 1.44
C LEU A 84 7.27 -19.98 0.49
N GLY A 85 7.85 -18.82 0.73
CA GLY A 85 8.90 -18.34 -0.15
C GLY A 85 10.33 -18.61 0.25
N ALA A 86 11.25 -17.83 -0.28
CA ALA A 86 12.66 -18.01 0.02
C ALA A 86 13.08 -17.39 1.36
N SER A 87 14.20 -17.89 1.89
CA SER A 87 14.73 -17.36 3.15
C SER A 87 16.24 -17.46 3.09
N ARG A 88 16.91 -16.77 4.02
CA ARG A 88 18.36 -16.78 4.08
C ARG A 88 18.87 -17.98 4.85
N PRO A 89 19.87 -18.69 4.31
CA PRO A 89 20.41 -19.83 5.05
C PRO A 89 20.88 -19.45 6.43
N ALA A 90 21.40 -18.22 6.58
CA ALA A 90 21.88 -17.73 7.86
C ALA A 90 20.75 -17.63 8.89
N ASP A 91 19.50 -17.51 8.43
CA ASP A 91 18.35 -17.41 9.33
C ASP A 91 17.74 -18.74 9.74
N ALA A 92 18.32 -19.84 9.31
CA ALA A 92 17.78 -21.16 9.67
C ALA A 92 17.69 -21.33 11.20
N ALA A 93 18.68 -20.83 11.94
CA ALA A 93 18.70 -20.95 13.40
C ALA A 93 17.56 -20.20 14.06
N LEU A 94 17.22 -19.03 13.55
CA LEU A 94 16.12 -18.25 14.09
C LEU A 94 14.79 -18.94 13.78
N ALA A 95 14.64 -19.49 12.58
CA ALA A 95 13.40 -20.18 12.21
C ALA A 95 13.23 -21.40 13.11
N ALA A 96 14.32 -22.11 13.35
CA ALA A 96 14.29 -23.32 14.19
C ALA A 96 13.89 -23.00 15.63
N GLN A 97 14.41 -21.90 16.15
CA GLN A 97 14.11 -21.49 17.52
C GLN A 97 12.66 -21.10 17.69
N GLN A 98 12.11 -20.43 16.67
CA GLN A 98 10.71 -19.98 16.71
C GLN A 98 9.75 -21.04 16.16
N ARG A 99 10.28 -22.22 15.83
CA ARG A 99 9.45 -23.30 15.33
C ARG A 99 8.71 -22.90 14.04
N ILE A 100 9.47 -22.40 13.08
CA ILE A 100 8.91 -21.98 11.79
C ILE A 100 9.45 -22.89 10.69
N ALA A 101 8.55 -23.60 10.00
CA ALA A 101 8.99 -24.49 8.92
C ALA A 101 9.37 -23.69 7.66
N LEU A 102 10.38 -24.17 6.94
CA LEU A 102 10.84 -23.47 5.73
C LEU A 102 10.67 -24.26 4.44
N THR A 103 10.54 -23.52 3.35
CA THR A 103 10.41 -24.09 2.02
C THR A 103 11.82 -24.19 1.48
N VAL A 104 12.16 -25.31 0.84
CA VAL A 104 13.49 -25.46 0.27
C VAL A 104 13.34 -25.94 -1.17
N PHE A 105 14.18 -25.43 -2.06
CA PHE A 105 14.09 -25.83 -3.47
C PHE A 105 15.43 -25.94 -4.20
N ARG A 106 16.54 -25.75 -3.47
CA ARG A 106 17.85 -25.91 -4.08
C ARG A 106 18.86 -26.46 -3.07
N SER A 107 19.79 -27.27 -3.57
CA SER A 107 20.80 -27.92 -2.73
C SER A 107 21.88 -26.98 -2.21
N ASP A 108 22.26 -26.00 -3.02
CA ASP A 108 23.28 -25.07 -2.59
C ASP A 108 22.81 -24.23 -1.39
N TRP A 109 21.49 -24.20 -1.15
CA TRP A 109 20.95 -23.47 -0.01
C TRP A 109 21.26 -24.31 1.23
N LEU A 110 20.97 -25.61 1.11
CA LEU A 110 21.23 -26.56 2.19
C LEU A 110 22.71 -26.75 2.47
N GLU A 111 23.55 -26.64 1.43
CA GLU A 111 24.99 -26.78 1.63
C GLU A 111 25.37 -25.72 2.64
N GLU A 112 25.04 -24.49 2.27
CA GLU A 112 25.31 -23.31 3.05
C GLU A 112 24.73 -23.32 4.48
N ALA A 113 23.51 -23.83 4.65
CA ALA A 113 22.88 -23.86 5.98
C ALA A 113 23.46 -24.93 6.91
N SER A 114 23.94 -26.04 6.36
CA SER A 114 24.51 -27.10 7.18
C SER A 114 25.76 -26.60 7.89
N ALA A 115 26.49 -25.70 7.23
CA ALA A 115 27.71 -25.12 7.78
C ALA A 115 27.47 -24.02 8.80
N LEU A 116 26.25 -23.50 8.87
CA LEU A 116 25.95 -22.42 9.82
C LEU A 116 25.08 -22.86 10.97
N TYR A 117 24.53 -24.06 10.89
CA TYR A 117 23.67 -24.54 11.95
C TYR A 117 24.03 -25.93 12.47
N SER A 118 23.95 -26.09 13.80
CA SER A 118 24.26 -27.36 14.47
C SER A 118 23.49 -27.55 15.78
N GLY A 119 22.17 -27.71 15.68
CA GLY A 119 21.33 -27.92 16.84
C GLY A 119 21.13 -26.76 17.78
N PRO A 120 20.35 -26.96 18.88
CA PRO A 120 19.70 -28.24 19.18
C PRO A 120 18.29 -28.42 18.61
N PHE A 121 17.71 -27.32 18.13
CA PHE A 121 16.35 -27.36 17.58
C PHE A 121 16.33 -27.94 16.19
N PRO A 122 15.27 -28.69 15.87
CA PRO A 122 15.17 -29.25 14.53
C PRO A 122 14.51 -28.23 13.61
N ILE A 123 14.92 -28.21 12.34
CA ILE A 123 14.32 -27.31 11.36
C ILE A 123 13.46 -28.17 10.46
N HIS A 124 12.19 -27.82 10.30
CA HIS A 124 11.32 -28.61 9.45
C HIS A 124 11.24 -27.97 8.06
N PHE A 125 11.58 -28.76 7.05
CA PHE A 125 11.57 -28.31 5.69
C PHE A 125 10.43 -28.90 4.89
N HIS A 126 9.99 -28.13 3.90
CA HIS A 126 8.97 -28.56 2.97
C HIS A 126 9.66 -28.38 1.63
N LEU A 127 9.85 -29.49 0.91
CA LEU A 127 10.51 -29.44 -0.39
C LEU A 127 9.54 -28.94 -1.44
N MET A 129 7.81 -28.73 -5.28
CA MET A 129 8.26 -28.95 -6.64
C MET A 129 7.60 -28.10 -7.72
N ASP A 130 8.41 -27.70 -8.69
CA ASP A 130 7.87 -26.93 -9.81
C ASP A 130 7.30 -27.92 -10.83
N THR A 131 5.97 -27.99 -10.87
CA THR A 131 5.30 -28.89 -11.81
C THR A 131 4.68 -28.16 -13.00
N GLY A 132 4.97 -26.87 -13.14
CA GLY A 132 4.41 -26.09 -14.24
C GLY A 132 4.12 -24.64 -13.94
N MET A 133 4.41 -24.18 -12.72
CA MET A 133 4.14 -22.79 -12.37
C MET A 133 5.33 -21.89 -12.77
N GLY A 134 6.53 -22.48 -12.77
CA GLY A 134 7.71 -21.71 -13.15
C GLY A 134 8.21 -20.67 -12.14
N ARG A 135 7.73 -20.73 -10.91
CA ARG A 135 8.13 -19.78 -9.89
C ARG A 135 9.30 -20.30 -9.05
N LEU A 136 9.00 -21.13 -8.05
CA LEU A 136 10.04 -21.76 -7.21
C LEU A 136 9.86 -23.28 -7.26
N GLY A 137 10.90 -24.04 -6.92
CA GLY A 137 10.75 -25.49 -6.92
C GLY A 137 11.79 -26.25 -7.72
N VAL A 138 12.00 -27.52 -7.34
CA VAL A 138 12.94 -28.37 -8.05
C VAL A 138 12.27 -28.87 -9.33
N LYS A 139 13.08 -29.26 -10.31
CA LYS A 139 12.59 -29.76 -11.58
C LYS A 139 13.34 -31.00 -12.10
N ASP A 140 14.38 -31.42 -11.38
CA ASP A 140 15.19 -32.58 -11.76
C ASP A 140 15.18 -33.64 -10.69
N GLU A 141 15.53 -34.86 -11.07
CA GLU A 141 15.58 -35.95 -10.13
C GLU A 141 16.90 -35.89 -9.35
N GLU A 142 18.01 -35.59 -10.02
CA GLU A 142 19.28 -35.55 -9.31
C GLU A 142 19.26 -34.45 -8.23
N GLU A 143 18.74 -33.28 -8.56
CA GLU A 143 18.67 -32.21 -7.57
C GLU A 143 17.74 -32.60 -6.41
N THR A 144 16.62 -33.25 -6.72
CA THR A 144 15.68 -33.66 -5.69
C THR A 144 16.33 -34.64 -4.70
N LYS A 145 17.10 -35.58 -5.22
CA LYS A 145 17.76 -36.56 -4.36
C LYS A 145 18.92 -35.95 -3.58
N ARG A 146 19.56 -34.95 -4.17
CA ARG A 146 20.68 -34.29 -3.50
C ARG A 146 20.10 -33.56 -2.27
N ILE A 147 19.00 -32.86 -2.46
CA ILE A 147 18.36 -32.13 -1.37
C ILE A 147 17.97 -33.08 -0.23
N VAL A 148 17.33 -34.19 -0.58
CA VAL A 148 16.89 -35.18 0.40
C VAL A 148 18.08 -35.78 1.15
N ALA A 149 19.16 -36.04 0.42
CA ALA A 149 20.36 -36.60 1.03
C ALA A 149 20.95 -35.63 2.06
N LEU A 150 21.14 -34.39 1.65
CA LEU A 150 21.69 -33.36 2.52
C LEU A 150 20.83 -33.15 3.76
N ILE A 151 19.54 -33.36 3.63
CA ILE A 151 18.64 -33.22 4.77
C ILE A 151 18.76 -34.45 5.65
N GLU A 152 18.91 -35.60 5.01
CA GLU A 152 19.01 -36.87 5.72
C GLU A 152 20.26 -36.92 6.58
N ARG A 153 21.36 -36.39 6.07
CA ARG A 153 22.62 -36.42 6.82
C ARG A 153 22.72 -35.51 8.03
N HIS A 154 22.13 -34.32 7.98
CA HIS A 154 22.18 -33.40 9.09
C HIS A 154 21.16 -33.87 10.13
N PRO A 155 21.62 -34.16 11.36
CA PRO A 155 20.72 -34.63 12.42
C PRO A 155 19.61 -33.68 12.86
N HIS A 156 19.70 -32.42 12.48
CA HIS A 156 18.69 -31.43 12.87
C HIS A 156 17.83 -30.93 11.72
N PHE A 157 18.04 -31.48 10.54
CA PHE A 157 17.26 -31.13 9.37
C PHE A 157 16.19 -32.20 9.20
N VAL A 158 14.93 -31.77 9.10
CA VAL A 158 13.83 -32.72 8.92
C VAL A 158 12.95 -32.40 7.72
N LEU A 159 12.60 -33.43 6.95
CA LEU A 159 11.74 -33.22 5.79
C LEU A 159 10.33 -33.50 6.25
N GLU A 160 9.58 -32.45 6.55
CA GLU A 160 8.22 -32.60 7.03
C GLU A 160 7.19 -32.59 5.92
N GLY A 161 7.51 -31.87 4.86
CA GLY A 161 6.58 -31.73 3.77
C GLY A 161 7.16 -31.77 2.39
N LEU A 162 6.26 -31.76 1.42
CA LEU A 162 6.58 -31.85 0.02
C LEU A 162 5.36 -31.27 -0.72
N TYR A 163 5.57 -30.24 -1.53
CA TYR A 163 4.44 -29.63 -2.22
C TYR A 163 4.71 -28.96 -3.56
N THR A 164 3.63 -28.65 -4.27
CA THR A 164 3.74 -27.97 -5.55
C THR A 164 2.60 -26.97 -5.56
N HIS A 165 2.52 -26.17 -6.62
CA HIS A 165 1.47 -25.16 -6.70
C HIS A 165 0.95 -25.11 -8.14
N PHE A 166 -0.37 -24.94 -8.29
CA PHE A 166 -0.99 -24.89 -9.61
C PHE A 166 -1.13 -23.47 -10.17
N ALA A 167 -0.91 -23.34 -11.48
CA ALA A 167 -0.98 -22.05 -12.15
C ALA A 167 -2.32 -21.74 -12.77
N THR A 168 -3.13 -22.77 -13.00
CA THR A 168 -4.42 -22.57 -13.65
C THR A 168 -5.56 -23.33 -12.97
N ALA A 169 -5.44 -23.59 -11.68
CA ALA A 169 -6.48 -24.32 -10.97
C ALA A 169 -7.83 -23.61 -11.01
N ASP A 170 -7.80 -22.31 -11.29
CA ASP A 170 -9.04 -21.52 -11.33
C ASP A 170 -9.67 -21.41 -12.71
N GLU A 171 -9.13 -22.14 -13.68
CA GLU A 171 -9.69 -22.13 -15.03
C GLU A 171 -10.68 -23.29 -15.17
N VAL A 172 -11.82 -23.04 -15.81
CA VAL A 172 -12.82 -24.09 -15.98
C VAL A 172 -12.19 -25.28 -16.71
N ASN A 173 -11.43 -24.99 -17.76
CA ASN A 173 -10.74 -26.02 -18.54
C ASN A 173 -9.58 -26.53 -17.69
N THR A 174 -9.57 -27.84 -17.44
CA THR A 174 -8.57 -28.46 -16.59
C THR A 174 -7.38 -29.14 -17.26
N ASP A 175 -7.08 -28.80 -18.50
CA ASP A 175 -5.96 -29.42 -19.21
C ASP A 175 -4.60 -29.22 -18.53
N TYR A 176 -4.21 -27.97 -18.27
CA TYR A 176 -2.93 -27.70 -17.64
C TYR A 176 -2.94 -28.21 -16.19
N PHE A 177 -4.07 -28.10 -15.51
CA PHE A 177 -4.19 -28.58 -14.13
C PHE A 177 -3.82 -30.06 -14.12
N SER A 178 -4.42 -30.83 -15.03
CA SER A 178 -4.18 -32.26 -15.16
C SER A 178 -2.72 -32.61 -15.41
N TYR A 179 -2.07 -31.85 -16.28
CA TYR A 179 -0.64 -32.06 -16.55
C TYR A 179 0.15 -31.88 -15.25
N GLN A 180 -0.14 -30.79 -14.54
CA GLN A 180 0.55 -30.50 -13.27
C GLN A 180 0.34 -31.56 -12.20
N TYR A 181 -0.90 -32.00 -12.02
CA TYR A 181 -1.23 -33.02 -11.04
C TYR A 181 -0.49 -34.32 -11.36
N THR A 182 -0.52 -34.71 -12.63
CA THR A 182 0.13 -35.93 -13.08
C THR A 182 1.65 -35.83 -12.94
N ARG A 183 2.19 -34.63 -13.16
CA ARG A 183 3.63 -34.40 -13.05
C ARG A 183 4.07 -34.49 -11.59
N PHE A 184 3.22 -33.99 -10.70
CA PHE A 184 3.50 -34.03 -9.26
C PHE A 184 3.56 -35.51 -8.87
N LEU A 185 2.60 -36.29 -9.35
CA LEU A 185 2.54 -37.73 -9.07
C LEU A 185 3.85 -38.43 -9.49
N HIS A 186 4.34 -38.07 -10.67
CA HIS A 186 5.57 -38.68 -11.14
C HIS A 186 6.76 -38.25 -10.29
N MET A 187 6.85 -36.96 -9.99
CA MET A 187 7.94 -36.44 -9.19
C MET A 187 7.96 -36.97 -7.75
N LEU A 188 6.79 -37.27 -7.21
CA LEU A 188 6.73 -37.82 -5.85
C LEU A 188 7.51 -39.13 -5.77
N GLU A 189 7.48 -39.88 -6.87
CA GLU A 189 8.14 -41.17 -6.93
C GLU A 189 9.67 -41.06 -6.86
N TRP A 190 10.20 -39.84 -7.00
CA TRP A 190 11.65 -39.64 -6.94
C TRP A 190 12.16 -39.59 -5.49
N LEU A 191 11.24 -39.59 -4.52
CA LEU A 191 11.62 -39.54 -3.13
C LEU A 191 11.72 -40.93 -2.56
N PRO A 192 12.76 -41.21 -1.77
CA PRO A 192 12.94 -42.54 -1.18
C PRO A 192 11.73 -42.91 -0.30
N SER A 193 11.16 -41.91 0.36
CA SER A 193 10.00 -42.14 1.21
C SER A 193 9.09 -40.90 1.27
N ARG A 194 7.80 -41.14 1.50
CA ARG A 194 6.78 -40.09 1.59
C ARG A 194 6.90 -39.34 2.91
N PRO A 195 7.05 -38.01 2.85
CA PRO A 195 7.13 -37.35 4.17
C PRO A 195 5.70 -37.31 4.71
N PRO A 196 5.51 -36.98 5.99
CA PRO A 196 4.15 -36.94 6.53
C PRO A 196 3.16 -35.97 5.89
N LEU A 197 3.67 -34.86 5.35
CA LEU A 197 2.78 -33.88 4.72
C LEU A 197 3.03 -33.71 3.22
N VAL A 198 2.00 -34.01 2.43
CA VAL A 198 2.06 -33.87 0.97
C VAL A 198 0.90 -32.94 0.63
N HIS A 199 1.20 -31.81 -0.01
CA HIS A 199 0.13 -30.87 -0.36
C HIS A 199 0.33 -30.19 -1.72
N CYS A 200 -0.77 -29.76 -2.33
CA CYS A 200 -0.71 -29.13 -3.65
C CYS A 200 -1.83 -28.16 -3.91
N ALA A 201 -2.94 -28.35 -3.22
CA ALA A 201 -4.13 -27.54 -3.45
C ALA A 201 -4.24 -26.18 -2.80
N ASN A 202 -4.73 -25.22 -3.59
CA ASN A 202 -4.98 -23.85 -3.15
C ASN A 202 -6.50 -23.80 -3.02
N SER A 203 -7.09 -22.62 -2.94
CA SER A 203 -8.55 -22.55 -2.81
C SER A 203 -9.32 -23.23 -3.94
N ALA A 204 -9.01 -22.85 -5.19
CA ALA A 204 -9.70 -23.40 -6.35
C ALA A 204 -9.63 -24.92 -6.45
N ALA A 205 -8.43 -25.49 -6.33
CA ALA A 205 -8.25 -26.93 -6.44
C ALA A 205 -8.96 -27.70 -5.33
N SER A 206 -8.87 -27.20 -4.10
CA SER A 206 -9.53 -27.86 -2.97
C SER A 206 -11.04 -27.72 -2.98
N LEU A 207 -11.58 -26.63 -3.51
CA LEU A 207 -13.02 -26.47 -3.54
C LEU A 207 -13.62 -27.29 -4.68
N ARG A 208 -12.87 -27.44 -5.77
CA ARG A 208 -13.36 -28.21 -6.90
C ARG A 208 -13.06 -29.72 -6.84
N PHE A 209 -11.88 -30.10 -6.35
CA PHE A 209 -11.49 -31.51 -6.27
C PHE A 209 -10.99 -31.88 -4.86
N PRO A 210 -11.89 -31.86 -3.87
CA PRO A 210 -11.64 -32.15 -2.45
C PRO A 210 -10.95 -33.50 -2.22
N ASP A 211 -11.24 -34.44 -3.10
CA ASP A 211 -10.71 -35.79 -3.05
C ASP A 211 -9.30 -35.94 -3.61
N ARG A 212 -8.81 -34.89 -4.27
CA ARG A 212 -7.47 -34.90 -4.89
C ARG A 212 -6.51 -33.97 -4.16
N THR A 213 -6.67 -33.84 -2.86
CA THR A 213 -5.85 -32.93 -2.07
C THR A 213 -4.78 -33.55 -1.20
N PHE A 214 -4.69 -34.88 -1.17
CA PHE A 214 -3.72 -35.55 -0.33
C PHE A 214 -4.02 -35.22 1.14
N ASN A 215 -3.03 -34.86 1.96
CA ASN A 215 -3.38 -34.60 3.35
C ASN A 215 -3.34 -33.20 3.94
N MET A 216 -3.19 -32.18 3.10
CA MET A 216 -3.20 -30.82 3.59
C MET A 216 -3.44 -29.83 2.46
N VAL A 217 -4.32 -28.87 2.68
CA VAL A 217 -4.62 -27.85 1.67
C VAL A 217 -4.17 -26.48 2.17
N ARG A 218 -3.77 -25.61 1.25
CA ARG A 218 -3.33 -24.27 1.60
C ARG A 218 -4.47 -23.36 1.14
N PHE A 219 -5.34 -23.01 2.09
CA PHE A 219 -6.54 -22.22 1.82
C PHE A 219 -6.33 -20.71 1.92
N GLY A 220 -6.46 -20.02 0.80
CA GLY A 220 -6.27 -18.58 0.80
C GLY A 220 -7.47 -17.69 0.50
N ILE A 221 -7.47 -17.15 -0.73
CA ILE A 221 -8.49 -16.23 -1.19
C ILE A 221 -9.93 -16.55 -0.77
N ALA A 222 -10.33 -17.81 -0.89
CA ALA A 222 -11.69 -18.18 -0.52
C ALA A 222 -12.02 -18.00 0.95
N MET A 223 -11.00 -18.02 1.80
CA MET A 223 -11.20 -17.84 3.24
C MET A 223 -11.76 -16.45 3.50
N TYR A 224 -11.39 -15.50 2.64
CA TYR A 224 -11.81 -14.12 2.75
C TYR A 224 -13.13 -13.88 2.02
N GLY A 225 -13.73 -14.96 1.53
CA GLY A 225 -15.00 -14.85 0.85
C GLY A 225 -14.95 -14.41 -0.60
N LEU A 226 -13.77 -14.42 -1.19
CA LEU A 226 -13.58 -14.03 -2.59
C LEU A 226 -13.35 -15.28 -3.48
N ALA A 227 -14.03 -15.33 -4.61
CA ALA A 227 -13.88 -16.46 -5.53
C ALA A 227 -12.53 -16.39 -6.23
N PRO A 228 -11.86 -17.55 -6.35
CA PRO A 228 -10.55 -17.60 -7.01
C PRO A 228 -10.53 -16.87 -8.37
N SER A 229 -11.64 -17.00 -9.09
CA SER A 229 -11.82 -16.37 -10.38
C SER A 229 -13.32 -16.42 -10.66
N PRO A 230 -13.80 -15.53 -11.53
CA PRO A 230 -15.24 -15.54 -11.83
C PRO A 230 -15.67 -16.80 -12.55
N GLY A 231 -14.77 -17.34 -13.37
CA GLY A 231 -15.08 -18.55 -14.11
C GLY A 231 -15.64 -19.67 -13.28
N ILE A 232 -15.04 -19.95 -12.12
CA ILE A 232 -15.52 -21.04 -11.28
C ILE A 232 -16.55 -20.66 -10.23
N LYS A 233 -17.05 -19.42 -10.26
CA LYS A 233 -18.06 -19.01 -9.29
C LYS A 233 -19.20 -20.03 -9.20
N PRO A 234 -19.78 -20.43 -10.34
CA PRO A 234 -20.85 -21.41 -10.28
C PRO A 234 -20.40 -22.82 -9.88
N LEU A 235 -19.09 -23.07 -9.93
CA LEU A 235 -18.58 -24.39 -9.57
C LEU A 235 -18.30 -24.53 -8.07
N LEU A 236 -18.46 -23.45 -7.31
CA LEU A 236 -18.20 -23.52 -5.87
C LEU A 236 -19.27 -24.29 -5.12
N PRO A 237 -18.86 -25.22 -4.25
CA PRO A 237 -19.70 -26.09 -3.42
C PRO A 237 -20.56 -25.39 -2.37
N TYR A 238 -20.03 -24.35 -1.74
CA TYR A 238 -20.81 -23.61 -0.75
C TYR A 238 -20.67 -22.14 -1.03
N PRO A 239 -21.70 -21.33 -0.67
CA PRO A 239 -21.62 -19.89 -0.91
C PRO A 239 -20.56 -19.25 -0.05
N LEU A 240 -19.77 -18.36 -0.65
CA LEU A 240 -18.69 -17.65 0.04
C LEU A 240 -19.21 -16.34 0.62
N LYS A 241 -18.65 -15.94 1.76
CA LYS A 241 -19.06 -14.69 2.40
C LYS A 241 -17.94 -13.67 2.41
N GLU A 242 -18.12 -12.59 1.64
CA GLU A 242 -17.11 -11.53 1.56
C GLU A 242 -16.92 -10.92 2.94
N ALA A 243 -15.68 -10.73 3.35
CA ALA A 243 -15.40 -10.19 4.67
C ALA A 243 -14.97 -8.72 4.75
N PHE A 244 -14.43 -8.21 3.66
CA PHE A 244 -13.92 -6.84 3.62
C PHE A 244 -14.91 -5.80 3.07
N SER A 245 -14.92 -4.63 3.69
CA SER A 245 -15.77 -3.52 3.25
C SER A 245 -15.01 -2.26 3.63
N LEU A 246 -15.19 -1.21 2.83
CA LEU A 246 -14.48 0.05 3.01
C LEU A 246 -15.46 1.22 3.08
N HIS A 247 -15.25 2.10 4.05
CA HIS A 247 -16.15 3.23 4.25
C HIS A 247 -15.44 4.54 4.57
N SER A 248 -16.19 5.62 4.46
CA SER A 248 -15.69 6.97 4.73
C SER A 248 -16.90 7.84 5.04
N ARG A 249 -16.69 9.15 5.16
CA ARG A 249 -17.78 10.06 5.45
C ARG A 249 -17.53 11.39 4.78
N LEU A 250 -18.61 12.08 4.42
CA LEU A 250 -18.48 13.40 3.80
C LEU A 250 -17.91 14.36 4.84
N VAL A 251 -16.86 15.11 4.48
CA VAL A 251 -16.29 16.07 5.41
C VAL A 251 -16.60 17.46 4.88
N HIS A 252 -16.97 17.54 3.61
CA HIS A 252 -17.35 18.81 3.02
C HIS A 252 -18.41 18.65 1.95
N VAL A 253 -19.36 19.58 1.96
CA VAL A 253 -20.48 19.60 1.02
C VAL A 253 -20.67 21.02 0.51
N LYS A 254 -20.85 21.17 -0.79
CA LYS A 254 -21.04 22.50 -1.37
C LYS A 254 -21.74 22.43 -2.71
N LYS A 255 -22.45 23.50 -3.06
CA LYS A 255 -23.14 23.57 -4.34
C LYS A 255 -22.30 24.38 -5.30
N LEU A 256 -22.10 23.86 -6.51
CA LEU A 256 -21.33 24.57 -7.52
C LEU A 256 -22.29 25.24 -8.50
N GLN A 257 -21.78 26.27 -9.17
CA GLN A 257 -22.56 27.00 -10.18
C GLN A 257 -22.03 26.49 -11.50
N PRO A 258 -22.82 26.61 -12.58
CA PRO A 258 -22.36 26.13 -13.89
C PRO A 258 -21.06 26.77 -14.37
N GLY A 259 -20.07 25.94 -14.67
CA GLY A 259 -18.80 26.45 -15.15
C GLY A 259 -17.60 26.28 -14.22
N GLU A 260 -17.86 26.03 -12.94
CA GLU A 260 -16.77 25.86 -11.99
C GLU A 260 -16.06 24.50 -12.15
N LYS A 261 -14.74 24.50 -11.97
CA LYS A 261 -13.96 23.28 -12.14
C LYS A 261 -13.55 22.56 -10.86
N VAL A 262 -13.37 21.25 -10.99
CA VAL A 262 -13.01 20.42 -9.85
C VAL A 262 -11.71 19.62 -10.01
N SER A 263 -10.89 19.68 -8.97
CA SER A 263 -9.63 18.94 -8.84
C SER A 263 -8.49 19.22 -9.81
N TYR A 264 -7.38 18.50 -9.61
CA TYR A 264 -6.19 18.65 -10.41
C TYR A 264 -6.43 18.69 -11.92
N GLY A 265 -5.71 19.59 -12.58
CA GLY A 265 -5.83 19.75 -14.02
C GLY A 265 -7.17 20.37 -14.39
N ALA A 266 -8.01 20.62 -13.39
CA ALA A 266 -9.32 21.19 -13.62
C ALA A 266 -10.02 20.40 -14.73
N THR A 267 -10.03 19.07 -14.54
CA THR A 267 -10.62 18.13 -15.50
C THR A 267 -12.13 18.11 -15.62
N TYR A 268 -12.83 18.32 -14.51
CA TYR A 268 -14.28 18.28 -14.47
C TYR A 268 -14.88 19.68 -14.39
N THR A 269 -16.06 19.84 -15.00
CA THR A 269 -16.77 21.11 -15.00
C THR A 269 -18.25 20.81 -14.72
N ALA A 270 -18.82 21.45 -13.71
CA ALA A 270 -20.23 21.25 -13.41
C ALA A 270 -21.01 21.97 -14.50
N GLN A 271 -22.11 21.37 -14.96
CA GLN A 271 -22.92 22.00 -16.01
C GLN A 271 -24.22 22.61 -15.52
N THR A 272 -24.78 22.06 -14.45
CA THR A 272 -26.00 22.62 -13.87
C THR A 272 -25.59 22.97 -12.44
N GLU A 273 -26.55 23.28 -11.59
CA GLU A 273 -26.22 23.57 -10.21
C GLU A 273 -26.13 22.20 -9.57
N GLU A 274 -24.93 21.80 -9.15
CA GLU A 274 -24.80 20.49 -8.54
C GLU A 274 -24.07 20.49 -7.23
N TRP A 275 -24.39 19.50 -6.41
CA TRP A 275 -23.77 19.36 -5.11
C TRP A 275 -22.57 18.41 -5.16
N ILE A 276 -21.43 18.93 -4.72
CA ILE A 276 -20.18 18.19 -4.69
C ILE A 276 -19.78 17.86 -3.26
N GLY A 277 -19.44 16.59 -3.03
CA GLY A 277 -19.03 16.16 -1.71
C GLY A 277 -17.57 15.76 -1.70
N THR A 278 -16.90 15.98 -0.57
CA THR A 278 -15.49 15.63 -0.45
C THR A 278 -15.31 14.58 0.64
N ILE A 279 -14.62 13.50 0.29
CA ILE A 279 -14.38 12.42 1.24
C ILE A 279 -12.90 12.29 1.47
N PRO A 280 -12.50 11.97 2.71
CA PRO A 280 -11.09 11.81 3.10
C PRO A 280 -10.42 10.47 2.76
N ILE A 281 -10.37 10.12 1.48
CA ILE A 281 -9.68 8.91 1.05
C ILE A 281 -9.14 9.19 -0.34
N GLY A 282 -7.88 8.84 -0.54
CA GLY A 282 -7.21 9.07 -1.80
C GLY A 282 -6.33 7.91 -2.21
N TYR A 283 -5.48 8.13 -3.21
CA TYR A 283 -4.63 7.06 -3.69
C TYR A 283 -3.57 6.55 -2.71
N ALA A 284 -3.18 7.35 -1.72
CA ALA A 284 -2.19 6.88 -0.74
C ALA A 284 -2.85 5.90 0.21
N ASP A 285 -4.18 5.77 0.08
CA ASP A 285 -4.96 4.84 0.89
C ASP A 285 -5.25 3.59 0.05
N GLY A 286 -4.74 3.56 -1.18
CA GLY A 286 -4.99 2.41 -2.04
C GLY A 286 -6.16 2.61 -2.99
N TRP A 287 -6.81 3.77 -2.88
CA TRP A 287 -7.94 4.10 -3.77
C TRP A 287 -7.25 4.79 -4.94
N LEU A 288 -6.64 3.98 -5.79
CA LEU A 288 -5.88 4.47 -6.95
C LEU A 288 -6.57 5.42 -7.93
N ARG A 289 -5.74 6.25 -8.56
CA ARG A 289 -6.19 7.26 -9.53
C ARG A 289 -6.98 6.69 -10.72
N ARG A 290 -6.69 5.44 -11.09
CA ARG A 290 -7.36 4.79 -12.20
C ARG A 290 -8.85 4.63 -11.93
N LEU A 291 -9.26 4.87 -10.69
CA LEU A 291 -10.64 4.72 -10.30
C LEU A 291 -11.45 6.02 -10.44
N GLN A 292 -10.89 7.01 -11.11
CA GLN A 292 -11.60 8.29 -11.25
C GLN A 292 -12.92 8.29 -12.01
N HIS A 293 -13.20 7.20 -12.73
CA HIS A 293 -14.45 7.11 -13.49
C HIS A 293 -15.35 6.06 -12.87
N PHE A 294 -15.13 5.79 -11.58
CA PHE A 294 -15.91 4.80 -10.87
C PHE A 294 -16.87 5.55 -10.00
N HIS A 295 -17.52 4.85 -9.07
CA HIS A 295 -18.49 5.49 -8.18
C HIS A 295 -18.46 4.92 -6.77
N VAL A 296 -19.10 5.63 -5.86
CA VAL A 296 -19.21 5.23 -4.47
C VAL A 296 -20.69 5.24 -4.11
N LEU A 297 -21.03 4.76 -2.93
CA LEU A 297 -22.43 4.76 -2.51
C LEU A 297 -22.65 5.80 -1.41
N VAL A 298 -23.70 6.60 -1.58
CA VAL A 298 -24.06 7.63 -0.61
C VAL A 298 -25.56 7.54 -0.41
N ASP A 299 -26.00 7.40 0.83
CA ASP A 299 -27.42 7.31 1.13
C ASP A 299 -28.14 6.34 0.16
N GLY A 300 -27.69 5.09 0.15
CA GLY A 300 -28.28 4.07 -0.70
C GLY A 300 -28.26 4.30 -2.20
N GLN A 301 -27.53 5.30 -2.68
CA GLN A 301 -27.51 5.57 -4.10
C GLN A 301 -26.11 5.68 -4.67
N LYS A 302 -25.99 5.42 -5.98
CA LYS A 302 -24.70 5.50 -6.67
C LYS A 302 -24.36 6.96 -6.98
N ALA A 303 -23.13 7.34 -6.66
CA ALA A 303 -22.66 8.69 -6.88
C ALA A 303 -21.30 8.62 -7.54
N PRO A 304 -21.13 9.24 -8.72
CA PRO A 304 -19.86 9.21 -9.42
C PRO A 304 -18.71 10.02 -8.82
N ILE A 305 -17.50 9.50 -8.96
CA ILE A 305 -16.33 10.20 -8.47
C ILE A 305 -16.12 11.25 -9.53
N VAL A 306 -15.92 12.49 -9.09
CA VAL A 306 -15.74 13.61 -10.01
C VAL A 306 -14.36 14.25 -9.96
N GLY A 307 -13.77 14.45 -11.14
CA GLY A 307 -12.44 15.03 -11.22
C GLY A 307 -11.39 13.99 -10.86
N ARG A 308 -10.13 14.40 -10.83
CA ARG A 308 -9.06 13.47 -10.49
C ARG A 308 -9.00 13.15 -9.00
N ILE A 309 -8.57 11.93 -8.70
CA ILE A 309 -8.45 11.49 -7.32
C ILE A 309 -7.14 12.01 -6.73
N CYS A 310 -7.19 12.51 -5.49
CA CYS A 310 -6.01 13.05 -4.84
C CYS A 310 -5.37 12.03 -3.88
N MET A 311 -4.20 12.38 -3.35
CA MET A 311 -3.48 11.48 -2.46
C MET A 311 -4.26 11.07 -1.19
N ASP A 312 -4.99 12.02 -0.61
CA ASP A 312 -5.75 11.75 0.60
C ASP A 312 -7.25 11.95 0.50
N GLN A 313 -7.72 12.55 -0.59
CA GLN A 313 -9.17 12.77 -0.74
C GLN A 313 -9.65 12.83 -2.17
N CYS A 314 -10.97 12.74 -2.36
CA CYS A 314 -11.54 12.83 -3.68
C CYS A 314 -12.96 13.40 -3.59
N MET A 315 -13.46 13.89 -4.73
CA MET A 315 -14.77 14.50 -4.82
C MET A 315 -15.78 13.63 -5.58
N ILE A 316 -17.04 13.78 -5.22
CA ILE A 316 -18.10 13.01 -5.85
C ILE A 316 -19.31 13.93 -6.08
N ARG A 317 -20.12 13.64 -7.10
CA ARG A 317 -21.32 14.43 -7.36
C ARG A 317 -22.43 13.82 -6.48
N LEU A 318 -23.07 14.65 -5.68
CA LEU A 318 -24.14 14.18 -4.79
C LEU A 318 -25.50 14.36 -5.47
N PRO A 319 -26.51 13.58 -5.04
CA PRO A 319 -27.86 13.69 -5.61
C PRO A 319 -28.51 15.02 -5.25
N GLY A 320 -28.02 15.61 -4.17
CA GLY A 320 -28.53 16.89 -3.68
C GLY A 320 -27.88 17.22 -2.35
N PRO A 321 -28.37 18.24 -1.64
CA PRO A 321 -27.74 18.59 -0.36
C PRO A 321 -27.85 17.52 0.73
N LEU A 322 -26.72 16.89 1.02
CA LEU A 322 -26.65 15.87 2.06
C LEU A 322 -25.83 16.46 3.21
N PRO A 323 -26.12 16.04 4.45
CA PRO A 323 -25.38 16.56 5.59
C PRO A 323 -23.95 16.07 5.70
N VAL A 324 -23.09 16.94 6.22
CA VAL A 324 -21.69 16.57 6.42
C VAL A 324 -21.70 15.42 7.42
N GLY A 325 -20.87 14.42 7.18
CA GLY A 325 -20.81 13.29 8.09
C GLY A 325 -21.61 12.11 7.58
N THR A 326 -22.24 12.27 6.43
CA THR A 326 -23.04 11.18 5.84
C THR A 326 -22.11 10.06 5.41
N LYS A 327 -22.43 8.84 5.83
CA LYS A 327 -21.61 7.69 5.50
C LYS A 327 -21.54 7.42 4.00
N VAL A 328 -20.33 7.11 3.53
CA VAL A 328 -20.06 6.80 2.14
C VAL A 328 -19.45 5.40 2.12
N THR A 329 -19.94 4.54 1.23
CA THR A 329 -19.42 3.19 1.12
C THR A 329 -18.71 2.99 -0.22
N LEU A 330 -17.42 2.67 -0.15
CA LEU A 330 -16.57 2.47 -1.33
C LEU A 330 -16.64 1.00 -1.75
N ILE A 331 -16.69 0.14 -0.75
CA ILE A 331 -16.77 -1.28 -1.00
C ILE A 331 -17.73 -1.82 0.05
N GLY A 332 -18.81 -2.43 -0.42
CA GLY A 332 -19.80 -2.96 0.50
C GLY A 332 -21.22 -2.68 0.03
N ARG A 333 -22.16 -2.79 0.96
CA ARG A 333 -23.57 -2.57 0.63
C ARG A 333 -24.20 -1.40 1.37
N GLN A 334 -25.13 -0.74 0.69
CA GLN A 334 -25.87 0.38 1.24
C GLN A 334 -27.26 0.27 0.62
N GLY A 335 -28.20 -0.23 1.40
CA GLY A 335 -29.56 -0.40 0.89
C GLY A 335 -29.63 -1.62 -0.02
N ASP A 336 -30.04 -1.39 -1.27
CA ASP A 336 -30.15 -2.45 -2.26
C ASP A 336 -28.94 -2.44 -3.18
N GLU A 337 -28.17 -1.36 -3.11
CA GLU A 337 -26.98 -1.22 -3.93
C GLU A 337 -25.81 -1.94 -3.27
N VAL A 338 -24.84 -2.36 -4.07
CA VAL A 338 -23.66 -3.02 -3.54
C VAL A 338 -22.48 -2.88 -4.51
N ILE A 339 -21.30 -2.73 -3.92
CA ILE A 339 -20.05 -2.62 -4.67
C ILE A 339 -19.15 -3.70 -4.08
N SER A 340 -18.81 -4.69 -4.88
CA SER A 340 -17.96 -5.76 -4.39
C SER A 340 -16.54 -5.55 -4.85
N ILE A 341 -15.61 -6.29 -4.26
CA ILE A 341 -14.20 -6.19 -4.60
C ILE A 341 -14.00 -6.55 -6.07
N ASP A 342 -14.85 -7.45 -6.58
CA ASP A 342 -14.75 -7.84 -7.98
C ASP A 342 -15.11 -6.66 -8.88
N ASP A 343 -16.04 -5.82 -8.43
CA ASP A 343 -16.43 -4.64 -9.19
C ASP A 343 -15.24 -3.67 -9.26
N VAL A 344 -14.58 -3.47 -8.12
CA VAL A 344 -13.42 -2.59 -8.06
C VAL A 344 -12.29 -3.16 -8.90
N ALA A 345 -12.09 -4.47 -8.77
CA ALA A 345 -11.08 -5.19 -9.50
C ALA A 345 -11.26 -5.02 -11.02
N ARG A 346 -12.51 -5.09 -11.48
CA ARG A 346 -12.81 -4.95 -12.90
C ARG A 346 -12.40 -3.57 -13.37
N HIS A 347 -12.70 -2.58 -12.55
CA HIS A 347 -12.39 -1.22 -12.92
C HIS A 347 -10.92 -0.91 -12.93
N LEU A 348 -10.20 -1.55 -12.02
CA LEU A 348 -8.76 -1.38 -11.89
C LEU A 348 -8.14 -2.31 -12.91
N GLU A 349 -8.96 -3.18 -13.49
CA GLU A 349 -8.49 -4.15 -14.47
C GLU A 349 -7.42 -5.05 -13.85
N THR A 350 -7.81 -5.71 -12.76
CA THR A 350 -6.98 -6.66 -12.04
C THR A 350 -7.87 -7.75 -11.50
N ILE A 351 -7.30 -8.56 -10.61
CA ILE A 351 -8.02 -9.65 -9.98
C ILE A 351 -8.36 -9.19 -8.56
N ASN A 352 -9.37 -9.79 -7.93
CA ASN A 352 -9.75 -9.39 -6.58
C ASN A 352 -8.62 -9.45 -5.56
N TYR A 353 -7.69 -10.39 -5.73
CA TYR A 353 -6.57 -10.52 -4.80
C TYR A 353 -5.84 -9.21 -4.50
N GLU A 354 -5.58 -8.44 -5.54
CA GLU A 354 -4.83 -7.21 -5.41
C GLU A 354 -5.52 -6.04 -4.70
N VAL A 355 -6.85 -6.03 -4.73
CA VAL A 355 -7.57 -4.92 -4.11
C VAL A 355 -7.37 -4.77 -2.60
N PRO A 356 -7.77 -5.77 -1.79
CA PRO A 356 -7.56 -5.56 -0.37
C PRO A 356 -6.08 -5.43 0.06
N CYS A 357 -5.16 -5.95 -0.75
CA CYS A 357 -3.72 -5.87 -0.42
C CYS A 357 -3.22 -4.44 -0.65
N THR A 358 -3.92 -3.68 -1.49
CA THR A 358 -3.50 -2.31 -1.79
C THR A 358 -4.11 -1.28 -0.85
N ILE A 359 -5.12 -1.67 -0.08
CA ILE A 359 -5.69 -0.74 0.87
C ILE A 359 -4.59 -0.64 1.93
N SER A 360 -3.90 0.50 1.96
CA SER A 360 -2.76 0.71 2.85
C SER A 360 -2.90 0.70 4.36
N TYR A 361 -1.72 0.72 5.00
CA TYR A 361 -1.51 0.73 6.44
C TYR A 361 -2.22 1.93 7.06
N ARG A 362 -2.33 2.99 6.27
CA ARG A 362 -2.96 4.24 6.68
C ARG A 362 -4.44 4.06 7.03
N VAL A 363 -5.06 3.01 6.52
CA VAL A 363 -6.47 2.78 6.76
C VAL A 363 -6.74 1.79 7.88
N PRO A 364 -7.44 2.24 8.92
CA PRO A 364 -7.79 1.44 10.10
C PRO A 364 -8.67 0.23 9.77
N ARG A 365 -8.45 -0.85 10.49
CA ARG A 365 -9.25 -2.05 10.32
C ARG A 365 -10.06 -2.24 11.59
N ILE A 366 -11.36 -2.38 11.44
CA ILE A 366 -12.25 -2.59 12.58
C ILE A 366 -12.74 -4.02 12.43
N PHE A 367 -12.47 -4.84 13.43
CA PHE A 367 -12.85 -6.23 13.40
C PHE A 367 -14.16 -6.53 14.10
N PHE A 368 -15.03 -7.26 13.40
CA PHE A 368 -16.31 -7.64 13.96
C PHE A 368 -16.33 -9.15 14.20
N ARG A 369 -16.87 -9.55 15.35
CA ARG A 369 -16.99 -10.95 15.70
C ARG A 369 -18.29 -11.08 16.50
N HIS A 370 -19.16 -11.98 16.06
CA HIS A 370 -20.44 -12.16 16.74
C HIS A 370 -21.28 -10.90 16.60
N LYS A 371 -21.17 -10.27 15.43
CA LYS A 371 -21.90 -9.05 15.11
C LYS A 371 -21.57 -7.82 15.95
N ARG A 372 -20.49 -7.89 16.71
CA ARG A 372 -20.09 -6.74 17.51
C ARG A 372 -18.61 -6.44 17.30
N ILE A 373 -18.20 -5.20 17.53
CA ILE A 373 -16.81 -4.79 17.36
C ILE A 373 -15.89 -5.50 18.35
N MET A 374 -14.85 -6.15 17.85
CA MET A 374 -13.91 -6.88 18.67
C MET A 374 -12.68 -6.03 18.98
N GLU A 375 -12.15 -5.35 17.97
CA GLU A 375 -10.98 -4.49 18.17
C GLU A 375 -10.76 -3.60 16.95
N VAL A 376 -9.96 -2.56 17.14
CA VAL A 376 -9.63 -1.64 16.08
C VAL A 376 -8.12 -1.70 15.92
N ARG A 377 -7.66 -1.78 14.68
CA ARG A 377 -6.23 -1.83 14.43
C ARG A 377 -5.80 -0.68 13.53
N ASN A 378 -5.15 0.31 14.15
CA ASN A 378 -4.66 1.48 13.42
C ASN A 378 -3.14 1.38 13.36
N ALA A 379 -2.62 1.00 12.19
CA ALA A 379 -1.18 0.81 12.00
C ALA A 379 -0.33 2.02 12.38
N ILE A 380 -0.81 3.23 12.09
CA ILE A 380 -0.05 4.44 12.46
C ILE A 380 -0.63 5.08 13.73
N ASN B 1 16.56 -1.42 13.10
CA ASN B 1 15.91 -2.76 12.88
C ASN B 1 16.66 -3.55 11.81
N ASP B 2 16.09 -4.69 11.46
CA ASP B 2 16.66 -5.53 10.42
C ASP B 2 15.51 -6.31 9.78
N PHE B 3 15.75 -6.85 8.58
CA PHE B 3 14.70 -7.56 7.87
C PHE B 3 15.19 -8.91 7.42
N HIS B 4 14.28 -9.83 7.11
CA HIS B 4 14.69 -11.17 6.71
C HIS B 4 14.24 -11.62 5.33
N ARG B 5 14.24 -10.70 4.38
CA ARG B 5 13.85 -10.97 3.00
C ARG B 5 14.69 -9.98 2.19
N ASP B 6 15.24 -10.42 1.07
CA ASP B 6 16.09 -9.55 0.27
C ASP B 6 15.40 -8.58 -0.69
N THR B 7 14.50 -7.78 -0.14
CA THR B 7 13.81 -6.76 -0.91
C THR B 7 13.79 -5.54 -0.01
N TRP B 8 14.26 -4.41 -0.53
CA TRP B 8 14.31 -3.22 0.30
C TRP B 8 14.37 -1.95 -0.53
N ALA B 9 13.91 -0.87 0.07
CA ALA B 9 13.93 0.43 -0.56
C ALA B 9 15.07 1.23 0.06
N GLU B 10 15.63 2.16 -0.69
CA GLU B 10 16.70 3.00 -0.16
C GLU B 10 16.29 4.45 -0.31
N VAL B 11 16.43 5.20 0.78
CA VAL B 11 16.07 6.61 0.80
C VAL B 11 17.32 7.44 1.05
N ASP B 12 17.64 8.30 0.09
CA ASP B 12 18.82 9.14 0.20
C ASP B 12 18.46 10.50 0.84
N LEU B 13 18.66 10.60 2.15
CA LEU B 13 18.35 11.84 2.87
C LEU B 13 19.22 13.01 2.44
N ASP B 14 20.41 12.73 1.89
CA ASP B 14 21.28 13.80 1.42
C ASP B 14 20.62 14.51 0.25
N ALA B 15 19.90 13.75 -0.58
CA ALA B 15 19.20 14.30 -1.73
C ALA B 15 18.08 15.20 -1.20
N ILE B 16 17.36 14.70 -0.21
CA ILE B 16 16.28 15.46 0.38
C ILE B 16 16.82 16.74 1.01
N TYR B 17 17.98 16.65 1.65
CA TYR B 17 18.60 17.83 2.27
C TYR B 17 18.88 18.89 1.20
N ASP B 18 19.56 18.48 0.13
CA ASP B 18 19.88 19.40 -0.96
C ASP B 18 18.65 20.03 -1.63
N ASN B 19 17.59 19.24 -1.85
CA ASN B 19 16.39 19.76 -2.49
C ASN B 19 15.76 20.86 -1.67
N VAL B 20 15.84 20.75 -0.35
CA VAL B 20 15.27 21.74 0.54
C VAL B 20 16.20 22.94 0.68
N GLU B 21 17.48 22.69 0.91
CA GLU B 21 18.43 23.79 1.07
C GLU B 21 18.48 24.72 -0.12
N ASN B 22 18.33 24.16 -1.32
CA ASN B 22 18.36 24.98 -2.52
C ASN B 22 17.17 25.93 -2.57
N LEU B 23 16.02 25.47 -2.09
CA LEU B 23 14.83 26.32 -2.07
C LEU B 23 15.04 27.42 -1.01
N ARG B 24 15.62 27.02 0.12
CA ARG B 24 15.93 27.92 1.24
C ARG B 24 16.81 29.06 0.73
N ARG B 25 17.68 28.76 -0.23
CA ARG B 25 18.56 29.78 -0.78
C ARG B 25 17.83 30.63 -1.82
N LEU B 26 16.95 29.98 -2.56
CA LEU B 26 16.15 30.59 -3.63
C LEU B 26 15.05 31.50 -3.09
N LEU B 27 14.67 31.31 -1.83
CA LEU B 27 13.61 32.11 -1.19
C LEU B 27 14.11 33.22 -0.27
N PRO B 28 13.27 34.26 -0.04
CA PRO B 28 13.59 35.38 0.85
C PRO B 28 13.63 35.00 2.34
N ASP B 29 14.54 35.64 3.08
CA ASP B 29 14.73 35.38 4.51
C ASP B 29 13.47 35.32 5.37
N ASP B 30 12.48 36.10 4.98
CA ASP B 30 11.20 36.19 5.68
C ASP B 30 10.30 34.98 5.43
N THR B 31 10.51 34.28 4.31
CA THR B 31 9.65 33.16 3.94
C THR B 31 9.98 31.79 4.53
N HIS B 32 8.98 31.19 5.18
CA HIS B 32 9.12 29.87 5.77
C HIS B 32 8.87 28.77 4.74
N ILE B 33 9.46 27.61 5.01
CA ILE B 33 9.27 26.45 4.17
C ILE B 33 8.56 25.44 5.07
N MET B 34 7.39 25.01 4.63
CA MET B 34 6.62 24.01 5.35
C MET B 34 6.77 22.73 4.53
N ALA B 35 7.53 21.77 5.05
CA ALA B 35 7.77 20.52 4.35
C ALA B 35 6.53 19.64 4.43
N VAL B 36 5.98 19.28 3.27
CA VAL B 36 4.79 18.43 3.25
C VAL B 36 5.26 17.00 3.42
N VAL B 37 4.88 16.41 4.55
CA VAL B 37 5.31 15.08 4.92
C VAL B 37 4.19 14.04 5.13
N LYS B 38 3.04 14.29 4.50
CA LYS B 38 1.91 13.37 4.61
C LYS B 38 2.18 12.05 3.88
N ALA B 39 1.32 11.07 4.13
CA ALA B 39 1.45 9.75 3.51
C ALA B 39 2.85 9.19 3.77
N ASN B 40 3.26 9.20 5.03
CA ASN B 40 4.57 8.71 5.42
C ASN B 40 5.64 9.38 4.56
N ALA B 41 5.48 10.67 4.36
CA ALA B 41 6.41 11.45 3.55
C ALA B 41 6.47 10.87 2.14
N TYR B 42 5.29 10.72 1.53
CA TYR B 42 5.19 10.19 0.17
C TYR B 42 5.87 8.83 0.04
N GLY B 43 5.72 7.99 1.06
CA GLY B 43 6.33 6.67 1.03
C GLY B 43 7.82 6.65 1.36
N HIS B 44 8.40 7.80 1.71
CA HIS B 44 9.83 7.88 2.04
C HIS B 44 10.18 7.69 3.53
N GLY B 45 9.21 7.85 4.43
CA GLY B 45 9.49 7.71 5.86
C GLY B 45 9.29 9.05 6.56
N ASP B 46 8.18 9.19 7.28
CA ASP B 46 7.86 10.45 7.95
C ASP B 46 8.89 11.13 8.85
N VAL B 47 9.33 10.46 9.91
CA VAL B 47 10.31 11.10 10.81
C VAL B 47 11.64 11.40 10.15
N GLN B 48 12.15 10.42 9.43
CA GLN B 48 13.45 10.57 8.76
C GLN B 48 13.47 11.79 7.83
N VAL B 49 12.39 11.99 7.06
CA VAL B 49 12.31 13.13 6.14
C VAL B 49 12.03 14.43 6.89
N ALA B 50 11.09 14.39 7.85
CA ALA B 50 10.76 15.58 8.63
C ALA B 50 12.01 16.17 9.30
N ARG B 51 12.80 15.30 9.93
CA ARG B 51 14.01 15.69 10.62
C ARG B 51 15.03 16.28 9.65
N THR B 52 15.22 15.61 8.51
CA THR B 52 16.19 16.09 7.51
C THR B 52 15.78 17.45 6.96
N ALA B 53 14.49 17.59 6.65
CA ALA B 53 13.98 18.85 6.10
C ALA B 53 14.19 20.00 7.09
N LEU B 54 13.94 19.75 8.37
CA LEU B 54 14.11 20.80 9.36
C LEU B 54 15.56 21.28 9.39
N GLU B 55 16.49 20.33 9.34
CA GLU B 55 17.92 20.63 9.31
C GLU B 55 18.29 21.46 8.09
N ALA B 56 17.59 21.23 6.98
CA ALA B 56 17.89 21.93 5.73
C ALA B 56 17.32 23.33 5.59
N GLY B 57 16.45 23.76 6.49
CA GLY B 57 15.90 25.10 6.38
C GLY B 57 14.40 25.22 6.57
N ALA B 58 13.71 24.08 6.61
CA ALA B 58 12.26 24.09 6.80
C ALA B 58 11.99 24.45 8.26
N SER B 59 10.92 25.19 8.50
CA SER B 59 10.56 25.58 9.86
C SER B 59 9.28 24.93 10.33
N ARG B 60 8.49 24.39 9.39
CA ARG B 60 7.23 23.75 9.74
C ARG B 60 6.99 22.48 8.93
N LEU B 61 6.02 21.69 9.40
CA LEU B 61 5.65 20.43 8.75
C LEU B 61 4.15 20.41 8.48
N ALA B 62 3.76 19.68 7.43
CA ALA B 62 2.36 19.57 7.06
C ALA B 62 2.02 18.10 6.89
N VAL B 63 0.87 17.72 7.42
CA VAL B 63 0.39 16.35 7.40
C VAL B 63 -1.04 16.31 6.83
N ALA B 64 -1.52 15.13 6.42
CA ALA B 64 -2.86 15.00 5.85
C ALA B 64 -4.00 14.97 6.87
N PHE B 65 -3.85 14.17 7.91
CA PHE B 65 -4.89 14.08 8.93
C PHE B 65 -4.28 13.91 10.31
N LEU B 66 -5.11 14.10 11.33
CA LEU B 66 -4.65 14.05 12.70
C LEU B 66 -3.73 12.90 13.11
N ASP B 67 -4.07 11.68 12.74
CA ASP B 67 -3.25 10.52 13.11
C ASP B 67 -1.80 10.66 12.65
N GLU B 68 -1.59 11.24 11.47
CA GLU B 68 -0.24 11.40 10.95
C GLU B 68 0.56 12.39 11.81
N ALA B 69 -0.11 13.44 12.27
CA ALA B 69 0.53 14.45 13.12
C ALA B 69 0.91 13.86 14.48
N LEU B 70 -0.03 13.13 15.08
CA LEU B 70 0.22 12.52 16.39
C LEU B 70 1.38 11.54 16.30
N ALA B 71 1.50 10.86 15.17
CA ALA B 71 2.58 9.89 14.96
C ALA B 71 3.94 10.57 14.95
N LEU B 72 4.01 11.76 14.36
CA LEU B 72 5.26 12.50 14.30
C LEU B 72 5.62 12.95 15.71
N ARG B 73 4.62 13.42 16.45
CA ARG B 73 4.81 13.89 17.81
C ARG B 73 5.35 12.76 18.69
N GLU B 74 4.82 11.56 18.51
CA GLU B 74 5.24 10.43 19.32
C GLU B 74 6.65 9.93 18.97
N LYS B 75 7.18 10.37 17.83
CA LYS B 75 8.54 9.97 17.43
C LYS B 75 9.54 11.08 17.71
N GLY B 76 9.15 12.00 18.59
CA GLY B 76 10.06 13.05 18.96
C GLY B 76 10.12 14.34 18.17
N ILE B 77 9.27 14.51 17.16
CA ILE B 77 9.30 15.75 16.42
C ILE B 77 8.54 16.79 17.24
N GLU B 78 9.18 17.92 17.50
CA GLU B 78 8.55 18.97 18.30
C GLU B 78 8.37 20.28 17.55
N ALA B 79 8.53 20.22 16.25
CA ALA B 79 8.36 21.41 15.41
C ALA B 79 6.87 21.56 15.12
N PRO B 80 6.44 22.74 14.67
CA PRO B 80 5.02 22.98 14.35
C PRO B 80 4.46 22.07 13.27
N ILE B 81 3.21 21.66 13.42
CA ILE B 81 2.58 20.78 12.44
C ILE B 81 1.16 21.24 12.08
N LEU B 82 0.90 21.34 10.78
CA LEU B 82 -0.42 21.74 10.31
C LEU B 82 -1.13 20.58 9.65
N VAL B 83 -2.36 20.30 10.07
CA VAL B 83 -3.15 19.25 9.44
C VAL B 83 -3.84 19.93 8.23
N LEU B 84 -3.52 19.47 7.02
CA LEU B 84 -4.10 20.02 5.80
C LEU B 84 -5.54 19.59 5.50
N GLY B 85 -5.95 18.44 6.04
CA GLY B 85 -7.27 17.94 5.80
C GLY B 85 -8.27 18.26 6.89
N ALA B 86 -9.35 17.48 6.92
CA ALA B 86 -10.40 17.67 7.91
C ALA B 86 -10.15 16.87 9.17
N SER B 87 -10.82 17.28 10.26
CA SER B 87 -10.72 16.59 11.54
C SER B 87 -12.07 16.76 12.24
N ARG B 88 -12.26 16.03 13.35
CA ARG B 88 -13.50 16.11 14.08
C ARG B 88 -13.50 17.23 15.12
N PRO B 89 -14.63 17.95 15.28
CA PRO B 89 -14.69 19.03 16.26
C PRO B 89 -14.30 18.53 17.65
N ALA B 90 -14.62 17.28 17.92
CA ALA B 90 -14.32 16.68 19.20
C ALA B 90 -12.84 16.36 19.42
N ASP B 91 -12.02 16.46 18.38
CA ASP B 91 -10.59 16.16 18.52
C ASP B 91 -9.75 17.44 18.64
N ALA B 92 -10.43 18.57 18.65
CA ALA B 92 -9.76 19.86 18.76
C ALA B 92 -8.90 19.96 20.02
N ALA B 93 -9.39 19.41 21.12
CA ALA B 93 -8.67 19.44 22.38
C ALA B 93 -7.38 18.61 22.27
N LEU B 94 -7.46 17.49 21.57
CA LEU B 94 -6.30 16.63 21.40
C LEU B 94 -5.24 17.39 20.59
N ALA B 95 -5.69 18.04 19.52
CA ALA B 95 -4.77 18.82 18.68
C ALA B 95 -4.09 19.96 19.46
N ALA B 96 -4.86 20.65 20.29
CA ALA B 96 -4.37 21.79 21.09
C ALA B 96 -3.28 21.33 22.03
N GLN B 97 -3.63 20.31 22.80
CA GLN B 97 -2.76 19.68 23.78
C GLN B 97 -1.43 19.18 23.15
N GLN B 98 -1.46 18.77 21.89
CA GLN B 98 -0.25 18.27 21.20
C GLN B 98 0.37 19.35 20.30
N ARG B 99 -0.13 20.57 20.43
CA ARG B 99 0.34 21.69 19.63
C ARG B 99 0.26 21.45 18.13
N ILE B 100 -0.89 20.97 17.68
CA ILE B 100 -1.10 20.70 16.27
C ILE B 100 -2.10 21.73 15.73
N ALA B 101 -1.73 22.41 14.64
CA ALA B 101 -2.61 23.40 14.02
C ALA B 101 -3.61 22.70 13.10
N LEU B 102 -4.84 23.20 13.02
CA LEU B 102 -5.87 22.59 12.20
C LEU B 102 -6.40 23.49 11.10
N THR B 103 -6.81 22.87 10.00
CA THR B 103 -7.39 23.58 8.86
C THR B 103 -8.89 23.70 9.13
N VAL B 104 -9.45 24.89 8.89
CA VAL B 104 -10.86 25.13 9.12
C VAL B 104 -11.45 25.74 7.84
N PHE B 105 -12.67 25.34 7.48
CA PHE B 105 -13.31 25.83 6.26
C PHE B 105 -14.85 25.92 6.32
N ARG B 106 -15.44 25.58 7.46
CA ARG B 106 -16.89 25.65 7.62
C ARG B 106 -17.22 26.30 8.97
N SER B 107 -18.22 27.16 8.98
CA SER B 107 -18.60 27.81 10.23
C SER B 107 -19.29 26.85 11.21
N ASP B 108 -20.04 25.86 10.71
CA ASP B 108 -20.69 24.95 11.64
C ASP B 108 -19.68 24.08 12.39
N TRP B 109 -18.48 23.93 11.83
CA TRP B 109 -17.43 23.14 12.48
C TRP B 109 -17.05 23.89 13.76
N LEU B 110 -16.73 25.17 13.61
CA LEU B 110 -16.34 26.02 14.73
C LEU B 110 -17.41 26.11 15.80
N GLU B 111 -18.66 26.30 15.39
CA GLU B 111 -19.77 26.38 16.34
C GLU B 111 -19.79 25.13 17.20
N GLU B 112 -19.45 23.99 16.60
CA GLU B 112 -19.44 22.74 17.35
C GLU B 112 -18.19 22.63 18.22
N ALA B 113 -17.04 23.02 17.70
CA ALA B 113 -15.79 22.96 18.44
C ALA B 113 -15.88 23.88 19.66
N SER B 114 -16.49 25.05 19.47
CA SER B 114 -16.63 26.01 20.58
C SER B 114 -17.36 25.41 21.78
N ALA B 115 -18.47 24.73 21.52
CA ALA B 115 -19.27 24.13 22.59
C ALA B 115 -18.54 23.00 23.31
N LEU B 116 -17.64 22.33 22.59
CA LEU B 116 -16.90 21.21 23.14
C LEU B 116 -15.57 21.56 23.82
N TYR B 117 -14.94 22.65 23.38
CA TYR B 117 -13.65 23.05 23.94
C TYR B 117 -13.73 24.39 24.65
N SER B 118 -13.16 24.47 25.85
CA SER B 118 -13.18 25.70 26.64
C SER B 118 -11.78 26.19 27.02
N GLY B 119 -10.78 25.33 26.90
CA GLY B 119 -9.42 25.70 27.24
C GLY B 119 -8.66 24.49 27.73
N PRO B 120 -7.43 24.65 28.24
CA PRO B 120 -6.64 25.88 28.41
C PRO B 120 -5.62 26.17 27.31
N PHE B 121 -5.37 25.22 26.44
CA PHE B 121 -4.40 25.44 25.35
C PHE B 121 -5.03 26.22 24.22
N PRO B 122 -4.25 27.05 23.53
CA PRO B 122 -4.82 27.79 22.41
C PRO B 122 -4.73 26.91 21.17
N ILE B 123 -5.72 26.96 20.29
CA ILE B 123 -5.68 26.16 19.07
C ILE B 123 -5.44 27.10 17.92
N HIS B 124 -4.44 26.84 17.11
CA HIS B 124 -4.17 27.70 15.96
C HIS B 124 -4.84 27.12 14.73
N PHE B 125 -5.63 27.95 14.07
CA PHE B 125 -6.37 27.55 12.89
C PHE B 125 -5.85 28.21 11.64
N HIS B 126 -5.92 27.48 10.54
CA HIS B 126 -5.54 28.00 9.25
C HIS B 126 -6.82 27.90 8.43
N LEU B 127 -7.30 29.06 7.98
CA LEU B 127 -8.50 29.10 7.16
C LEU B 127 -8.24 28.74 5.73
N MET B 129 -8.68 29.02 1.57
CA MET B 129 -9.86 29.23 0.75
C MET B 129 -9.90 28.49 -0.58
N ASP B 130 -11.09 28.08 -0.99
CA ASP B 130 -11.24 27.40 -2.28
C ASP B 130 -11.30 28.44 -3.41
N THR B 131 -10.21 28.55 -4.16
CA THR B 131 -10.13 29.50 -5.27
C THR B 131 -10.53 28.91 -6.62
N GLY B 132 -10.58 27.59 -6.70
CA GLY B 132 -10.96 26.94 -7.95
C GLY B 132 -10.52 25.49 -8.03
N MET B 133 -10.19 24.90 -6.88
CA MET B 133 -9.75 23.51 -6.83
C MET B 133 -10.96 22.62 -6.56
N GLY B 134 -11.98 23.20 -5.93
CA GLY B 134 -13.20 22.46 -5.63
C GLY B 134 -13.09 21.36 -4.58
N ARG B 135 -11.96 21.30 -3.87
CA ARG B 135 -11.76 20.27 -2.85
C ARG B 135 -12.26 20.74 -1.48
N LEU B 136 -11.39 21.39 -0.72
CA LEU B 136 -11.78 21.91 0.58
C LEU B 136 -11.69 23.42 0.50
N GLY B 137 -12.32 24.11 1.46
CA GLY B 137 -12.26 25.55 1.47
C GLY B 137 -13.58 26.30 1.46
N VAL B 138 -13.50 27.54 1.93
CA VAL B 138 -14.64 28.43 2.01
C VAL B 138 -14.71 29.15 0.66
N LYS B 139 -15.92 29.48 0.21
CA LYS B 139 -16.09 30.14 -1.09
C LYS B 139 -16.80 31.49 -1.06
N ASP B 140 -17.64 31.73 -0.05
CA ASP B 140 -18.36 33.00 0.02
C ASP B 140 -17.91 33.95 1.13
N GLU B 141 -18.20 35.23 0.91
CA GLU B 141 -17.86 36.30 1.82
C GLU B 141 -18.39 36.15 3.23
N GLU B 142 -19.68 35.92 3.37
CA GLU B 142 -20.26 35.84 4.70
C GLU B 142 -19.95 34.57 5.47
N GLU B 143 -19.39 33.58 4.78
CA GLU B 143 -19.01 32.34 5.46
C GLU B 143 -17.67 32.66 6.09
N THR B 144 -16.83 33.38 5.36
CA THR B 144 -15.52 33.78 5.85
C THR B 144 -15.65 34.65 7.11
N LYS B 145 -16.47 35.69 7.05
CA LYS B 145 -16.67 36.59 8.18
C LYS B 145 -17.23 35.88 9.41
N ARG B 146 -18.09 34.90 9.18
CA ARG B 146 -18.69 34.15 10.27
C ARG B 146 -17.63 33.30 10.97
N ILE B 147 -16.70 32.77 10.18
CA ILE B 147 -15.62 31.95 10.73
C ILE B 147 -14.69 32.86 11.53
N VAL B 148 -14.26 33.96 10.92
CA VAL B 148 -13.38 34.90 11.58
C VAL B 148 -14.00 35.35 12.90
N ALA B 149 -15.28 35.69 12.86
CA ALA B 149 -15.98 36.14 14.06
C ALA B 149 -15.99 35.09 15.15
N LEU B 150 -16.29 33.84 14.79
CA LEU B 150 -16.33 32.72 15.73
C LEU B 150 -14.96 32.45 16.34
N ILE B 151 -13.90 32.77 15.60
CA ILE B 151 -12.55 32.59 16.09
C ILE B 151 -12.20 33.76 17.02
N GLU B 152 -12.38 34.98 16.53
CA GLU B 152 -12.12 36.18 17.33
C GLU B 152 -12.84 36.09 18.68
N ARG B 153 -14.09 35.64 18.63
CA ARG B 153 -14.96 35.51 19.80
C ARG B 153 -14.53 34.52 20.89
N HIS B 154 -13.77 33.49 20.50
CA HIS B 154 -13.33 32.48 21.45
C HIS B 154 -11.94 32.80 22.05
N PRO B 155 -11.82 32.78 23.39
CA PRO B 155 -10.54 33.07 24.04
C PRO B 155 -9.37 32.16 23.70
N HIS B 156 -9.63 30.92 23.33
CA HIS B 156 -8.55 29.98 22.98
C HIS B 156 -8.42 29.65 21.49
N PHE B 157 -9.21 30.30 20.64
CA PHE B 157 -9.14 30.09 19.20
C PHE B 157 -8.30 31.19 18.58
N VAL B 158 -7.31 30.82 17.77
CA VAL B 158 -6.46 31.81 17.14
C VAL B 158 -6.37 31.59 15.65
N LEU B 159 -6.53 32.65 14.86
CA LEU B 159 -6.42 32.52 13.41
C LEU B 159 -4.95 32.80 13.07
N GLU B 160 -4.17 31.74 12.93
CA GLU B 160 -2.75 31.87 12.64
C GLU B 160 -2.43 32.06 11.16
N GLY B 161 -3.29 31.55 10.29
CA GLY B 161 -3.01 31.71 8.87
C GLY B 161 -4.23 31.42 8.01
N LEU B 162 -4.07 31.52 6.70
CA LEU B 162 -5.14 31.25 5.76
C LEU B 162 -4.42 30.92 4.49
N TYR B 163 -4.99 30.00 3.70
CA TYR B 163 -4.34 29.57 2.48
C TYR B 163 -5.28 29.00 1.43
N THR B 164 -4.74 28.76 0.25
CA THR B 164 -5.48 28.16 -0.84
C THR B 164 -4.53 27.17 -1.50
N HIS B 165 -5.05 26.39 -2.45
CA HIS B 165 -4.22 25.40 -3.13
C HIS B 165 -4.51 25.50 -4.63
N PHE B 166 -3.45 25.52 -5.44
CA PHE B 166 -3.62 25.64 -6.89
C PHE B 166 -3.80 24.29 -7.59
N ALA B 167 -4.78 24.23 -8.49
CA ALA B 167 -5.09 23.02 -9.24
C ALA B 167 -4.25 22.83 -10.49
N THR B 168 -3.68 23.90 -11.02
CA THR B 168 -2.90 23.74 -12.25
C THR B 168 -1.55 24.45 -12.27
N ALA B 169 -0.92 24.56 -11.10
CA ALA B 169 0.38 25.22 -10.99
C ALA B 169 1.49 24.52 -11.80
N ASP B 170 1.30 23.24 -12.11
CA ASP B 170 2.30 22.50 -12.88
C ASP B 170 2.07 22.56 -14.38
N GLU B 171 1.00 23.25 -14.79
CA GLU B 171 0.67 23.38 -16.21
C GLU B 171 1.35 24.59 -16.83
N VAL B 172 2.03 24.38 -17.97
CA VAL B 172 2.73 25.43 -18.68
C VAL B 172 1.77 26.60 -18.86
N ASN B 173 0.56 26.29 -19.29
CA ASN B 173 -0.51 27.26 -19.49
C ASN B 173 -0.84 27.80 -18.11
N THR B 174 -0.59 29.09 -17.89
CA THR B 174 -0.83 29.70 -16.58
C THR B 174 -2.16 30.44 -16.45
N ASP B 175 -3.09 30.18 -17.36
CA ASP B 175 -4.35 30.89 -17.31
C ASP B 175 -5.27 30.57 -16.13
N TYR B 176 -5.41 29.30 -15.77
CA TYR B 176 -6.26 28.97 -14.62
C TYR B 176 -5.51 29.39 -13.35
N PHE B 177 -4.19 29.32 -13.42
CA PHE B 177 -3.34 29.70 -12.30
C PHE B 177 -3.57 31.17 -11.92
N SER B 178 -3.54 32.05 -12.91
CA SER B 178 -3.74 33.46 -12.64
C SER B 178 -5.16 33.75 -12.19
N TYR B 179 -6.12 32.92 -12.60
CA TYR B 179 -7.49 33.11 -12.17
C TYR B 179 -7.57 32.84 -10.66
N GLN B 180 -6.92 31.75 -10.22
CA GLN B 180 -6.92 31.39 -8.81
C GLN B 180 -6.13 32.40 -7.98
N TYR B 181 -4.98 32.82 -8.48
CA TYR B 181 -4.16 33.81 -7.78
C TYR B 181 -4.99 35.08 -7.58
N THR B 182 -5.63 35.57 -8.64
CA THR B 182 -6.46 36.77 -8.57
C THR B 182 -7.64 36.60 -7.60
N ARG B 183 -8.30 35.44 -7.66
CA ARG B 183 -9.42 35.15 -6.78
C ARG B 183 -8.99 35.20 -5.31
N PHE B 184 -7.77 34.71 -5.05
CA PHE B 184 -7.22 34.68 -3.70
C PHE B 184 -6.98 36.08 -3.16
N LEU B 185 -6.27 36.90 -3.94
CA LEU B 185 -5.99 38.28 -3.52
C LEU B 185 -7.28 38.99 -3.15
N HIS B 186 -8.34 38.68 -3.88
CA HIS B 186 -9.65 39.27 -3.63
C HIS B 186 -10.31 38.76 -2.35
N MET B 187 -10.25 37.45 -2.14
CA MET B 187 -10.83 36.87 -0.96
C MET B 187 -10.07 37.23 0.32
N LEU B 188 -8.83 37.69 0.16
CA LEU B 188 -8.00 38.09 1.29
C LEU B 188 -8.59 39.37 1.91
N GLU B 189 -9.34 40.11 1.10
CA GLU B 189 -9.95 41.36 1.52
C GLU B 189 -11.20 41.17 2.39
N TRP B 190 -11.62 39.92 2.58
CA TRP B 190 -12.80 39.67 3.41
C TRP B 190 -12.35 39.54 4.86
N LEU B 191 -11.04 39.58 5.06
CA LEU B 191 -10.47 39.47 6.40
C LEU B 191 -10.19 40.87 6.91
N PRO B 192 -10.52 41.16 8.17
CA PRO B 192 -10.24 42.50 8.69
C PRO B 192 -8.73 42.71 8.73
N SER B 193 -8.01 41.74 9.29
CA SER B 193 -6.57 41.80 9.40
C SER B 193 -5.90 40.59 8.77
N ARG B 194 -4.81 40.85 8.06
CA ARG B 194 -4.05 39.80 7.41
C ARG B 194 -3.33 39.00 8.49
N PRO B 195 -3.64 37.69 8.63
CA PRO B 195 -3.01 36.85 9.64
C PRO B 195 -1.52 36.72 9.38
N PRO B 196 -0.75 36.28 10.40
CA PRO B 196 0.71 36.12 10.29
C PRO B 196 1.22 35.20 9.21
N LEU B 197 0.45 34.17 8.88
CA LEU B 197 0.86 33.23 7.85
C LEU B 197 -0.13 33.15 6.68
N VAL B 198 0.33 33.56 5.51
CA VAL B 198 -0.49 33.52 4.30
C VAL B 198 0.28 32.67 3.31
N HIS B 199 -0.30 31.55 2.90
CA HIS B 199 0.38 30.66 1.97
C HIS B 199 -0.54 30.12 0.86
N CYS B 200 0.04 29.77 -0.28
CA CYS B 200 -0.76 29.28 -1.40
C CYS B 200 0.00 28.33 -2.33
N ALA B 201 1.32 28.44 -2.35
CA ALA B 201 2.15 27.63 -3.24
C ALA B 201 2.58 26.23 -2.84
N ASN B 202 2.45 25.30 -3.79
CA ASN B 202 2.88 23.93 -3.60
C ASN B 202 4.25 23.93 -4.27
N SER B 203 4.81 22.76 -4.57
CA SER B 203 6.14 22.70 -5.20
C SER B 203 6.23 23.50 -6.50
N ALA B 204 5.23 23.34 -7.36
CA ALA B 204 5.20 24.01 -8.67
C ALA B 204 5.21 25.54 -8.61
N ALA B 205 4.28 26.12 -7.87
CA ALA B 205 4.17 27.56 -7.76
C ALA B 205 5.35 28.22 -7.04
N SER B 206 5.92 27.52 -6.06
CA SER B 206 7.04 28.06 -5.30
C SER B 206 8.33 28.05 -6.10
N LEU B 207 8.51 27.03 -6.94
CA LEU B 207 9.71 26.92 -7.77
C LEU B 207 9.59 27.75 -9.05
N ARG B 208 8.36 28.03 -9.48
CA ARG B 208 8.13 28.84 -10.68
C ARG B 208 8.01 30.34 -10.41
N PHE B 209 7.25 30.69 -9.37
CA PHE B 209 7.02 32.09 -9.00
C PHE B 209 7.34 32.29 -7.51
N PRO B 210 8.61 32.12 -7.11
CA PRO B 210 9.02 32.26 -5.72
C PRO B 210 8.72 33.57 -4.98
N ASP B 211 8.39 34.62 -5.71
CA ASP B 211 8.09 35.91 -5.09
C ASP B 211 6.60 36.08 -4.82
N ARG B 212 5.77 35.39 -5.61
CA ARG B 212 4.33 35.47 -5.47
C ARG B 212 3.83 34.27 -4.68
N THR B 213 4.46 34.06 -3.53
CA THR B 213 4.14 32.96 -2.64
C THR B 213 3.89 33.48 -1.22
N PHE B 214 3.98 34.79 -1.05
CA PHE B 214 3.74 35.40 0.25
C PHE B 214 4.79 34.97 1.29
N ASN B 215 4.39 34.68 2.52
CA ASN B 215 5.41 34.32 3.50
C ASN B 215 5.58 32.88 3.96
N MET B 216 4.93 31.95 3.26
CA MET B 216 5.09 30.53 3.56
C MET B 216 4.81 29.66 2.35
N VAL B 217 5.75 28.75 2.08
CA VAL B 217 5.67 27.82 0.96
C VAL B 217 5.43 26.40 1.49
N ARG B 218 4.50 25.68 0.85
CA ARG B 218 4.23 24.28 1.24
C ARG B 218 4.93 23.43 0.18
N PHE B 219 6.08 22.87 0.57
CA PHE B 219 6.95 22.10 -0.31
C PHE B 219 6.75 20.59 -0.19
N GLY B 220 6.36 19.97 -1.31
CA GLY B 220 6.15 18.53 -1.30
C GLY B 220 6.97 17.72 -2.29
N ILE B 221 6.30 17.26 -3.34
CA ILE B 221 6.94 16.44 -4.36
C ILE B 221 8.39 16.80 -4.70
N ALA B 222 8.66 18.08 -4.94
CA ALA B 222 10.02 18.51 -5.30
C ALA B 222 11.06 18.22 -4.22
N MET B 223 10.63 18.13 -2.98
CA MET B 223 11.55 17.83 -1.88
C MET B 223 12.11 16.41 -2.06
N TYR B 224 11.27 15.52 -2.60
CA TYR B 224 11.64 14.13 -2.83
C TYR B 224 12.44 13.95 -4.13
N GLY B 225 12.68 15.07 -4.81
CA GLY B 225 13.43 15.05 -6.04
C GLY B 225 12.59 14.70 -7.27
N LEU B 226 11.28 14.85 -7.18
CA LEU B 226 10.41 14.52 -8.30
C LEU B 226 9.76 15.76 -8.88
N ALA B 227 9.73 15.87 -10.19
CA ALA B 227 9.11 17.03 -10.85
C ALA B 227 7.60 16.97 -10.74
N PRO B 228 6.94 18.11 -10.48
CA PRO B 228 5.48 18.17 -10.37
C PRO B 228 4.79 17.62 -11.62
N SER B 229 5.43 17.80 -12.77
CA SER B 229 4.88 17.33 -14.05
C SER B 229 6.02 17.31 -15.04
N PRO B 230 5.88 16.54 -16.13
CA PRO B 230 6.95 16.51 -17.12
C PRO B 230 7.12 17.87 -17.83
N GLY B 231 6.02 18.59 -17.96
CA GLY B 231 6.06 19.88 -18.63
C GLY B 231 6.78 20.98 -17.86
N ILE B 232 6.75 20.91 -16.53
CA ILE B 232 7.42 21.93 -15.72
C ILE B 232 8.93 21.70 -15.62
N LYS B 233 9.36 20.46 -15.86
CA LYS B 233 10.77 20.11 -15.75
C LYS B 233 11.84 21.08 -16.21
N PRO B 234 11.76 21.59 -17.45
CA PRO B 234 12.80 22.52 -17.85
C PRO B 234 12.57 23.96 -17.42
N LEU B 235 11.64 24.18 -16.48
CA LEU B 235 11.37 25.53 -16.00
C LEU B 235 11.81 25.70 -14.54
N LEU B 236 12.27 24.61 -13.93
CA LEU B 236 12.73 24.63 -12.54
C LEU B 236 14.11 25.28 -12.41
N PRO B 237 14.30 26.11 -11.36
CA PRO B 237 15.54 26.83 -11.09
C PRO B 237 16.79 25.98 -10.79
N TYR B 238 16.62 24.80 -10.20
CA TYR B 238 17.77 23.95 -9.90
C TYR B 238 17.49 22.47 -10.10
N PRO B 239 18.55 21.67 -10.32
CA PRO B 239 18.33 20.23 -10.49
C PRO B 239 17.91 19.54 -9.20
N LEU B 240 16.94 18.65 -9.32
CA LEU B 240 16.41 17.90 -8.19
C LEU B 240 17.12 16.56 -8.10
N LYS B 241 17.41 16.12 -6.88
CA LYS B 241 18.08 14.84 -6.66
C LYS B 241 17.02 13.81 -6.29
N GLU B 242 16.89 12.74 -7.06
CA GLU B 242 15.89 11.73 -6.75
C GLU B 242 16.38 10.98 -5.51
N ALA B 243 15.49 10.78 -4.54
CA ALA B 243 15.88 10.14 -3.28
C ALA B 243 15.48 8.68 -3.07
N PHE B 244 14.47 8.20 -3.79
CA PHE B 244 13.96 6.84 -3.60
C PHE B 244 14.44 5.80 -4.62
N SER B 245 14.88 4.65 -4.15
CA SER B 245 15.31 3.57 -5.04
C SER B 245 14.80 2.24 -4.47
N LEU B 246 14.61 1.25 -5.32
CA LEU B 246 14.05 -0.03 -4.86
C LEU B 246 14.86 -1.19 -5.42
N HIS B 247 15.23 -2.13 -4.53
CA HIS B 247 16.06 -3.27 -4.92
C HIS B 247 15.59 -4.61 -4.37
N SER B 248 16.04 -5.67 -5.00
CA SER B 248 15.73 -7.04 -4.59
C SER B 248 16.90 -7.91 -5.04
N ARG B 249 16.80 -9.21 -4.83
CA ARG B 249 17.87 -10.13 -5.23
C ARG B 249 17.26 -11.41 -5.78
N LEU B 250 17.96 -12.07 -6.70
CA LEU B 250 17.48 -13.33 -7.27
C LEU B 250 17.50 -14.42 -6.19
N VAL B 251 16.38 -15.11 -5.99
CA VAL B 251 16.31 -16.16 -4.98
C VAL B 251 16.23 -17.53 -5.66
N HIS B 252 16.14 -17.52 -6.98
CA HIS B 252 16.09 -18.75 -7.75
C HIS B 252 16.39 -18.44 -9.20
N VAL B 253 17.12 -19.34 -9.84
CA VAL B 253 17.51 -19.21 -11.24
C VAL B 253 17.32 -20.59 -11.84
N LYS B 254 16.79 -20.66 -13.05
CA LYS B 254 16.58 -21.94 -13.71
C LYS B 254 16.53 -21.76 -15.23
N LYS B 255 16.88 -22.82 -15.95
CA LYS B 255 16.85 -22.78 -17.41
C LYS B 255 15.57 -23.45 -17.89
N LEU B 256 14.75 -22.71 -18.63
CA LEU B 256 13.53 -23.29 -19.15
C LEU B 256 13.74 -23.76 -20.58
N GLN B 257 13.03 -24.82 -20.96
CA GLN B 257 13.11 -25.36 -22.32
C GLN B 257 11.89 -24.80 -23.06
N PRO B 258 11.96 -24.71 -24.40
CA PRO B 258 10.85 -24.19 -25.19
C PRO B 258 9.54 -24.91 -24.89
N GLY B 259 8.45 -24.16 -24.89
CA GLY B 259 7.14 -24.74 -24.62
C GLY B 259 6.76 -24.65 -23.16
N GLU B 260 7.75 -24.48 -22.28
CA GLU B 260 7.46 -24.39 -20.86
C GLU B 260 6.79 -23.06 -20.51
N LYS B 261 5.84 -23.12 -19.58
CA LYS B 261 5.09 -21.95 -19.18
C LYS B 261 5.48 -21.36 -17.84
N VAL B 262 5.23 -20.06 -17.70
CA VAL B 262 5.58 -19.34 -16.48
C VAL B 262 4.42 -18.59 -15.85
N SER B 263 4.26 -18.79 -14.54
CA SER B 263 3.26 -18.12 -13.72
C SER B 263 1.77 -18.36 -14.00
N TYR B 264 0.93 -17.60 -13.31
CA TYR B 264 -0.52 -17.71 -13.42
C TYR B 264 -1.14 -17.59 -14.80
N GLY B 265 -2.03 -18.53 -15.09
CA GLY B 265 -2.70 -18.55 -16.39
C GLY B 265 -1.76 -18.99 -17.48
N ALA B 266 -0.54 -19.37 -17.12
CA ALA B 266 0.45 -19.82 -18.09
C ALA B 266 0.44 -18.92 -19.32
N THR B 267 0.46 -17.61 -19.09
CA THR B 267 0.43 -16.64 -20.20
C THR B 267 1.77 -16.31 -20.84
N TYR B 268 2.85 -16.93 -20.36
CA TYR B 268 4.16 -16.69 -20.96
C TYR B 268 4.70 -18.07 -21.30
N THR B 269 5.20 -18.19 -22.53
CA THR B 269 5.75 -19.44 -23.01
C THR B 269 7.19 -19.18 -23.43
N ALA B 270 8.11 -20.00 -22.94
CA ALA B 270 9.51 -19.85 -23.31
C ALA B 270 9.64 -20.30 -24.75
N GLN B 271 10.28 -19.49 -25.59
CA GLN B 271 10.46 -19.85 -27.00
C GLN B 271 11.84 -20.44 -27.30
N THR B 272 12.85 -20.00 -26.55
CA THR B 272 14.22 -20.51 -26.72
C THR B 272 14.66 -21.08 -25.40
N GLU B 273 15.96 -21.28 -25.24
CA GLU B 273 16.48 -21.80 -23.99
C GLU B 273 16.79 -20.55 -23.19
N GLU B 274 15.86 -20.23 -22.28
CA GLU B 274 15.93 -19.05 -21.44
C GLU B 274 16.21 -19.33 -19.98
N TRP B 275 16.98 -18.41 -19.37
CA TRP B 275 17.27 -18.52 -17.96
C TRP B 275 16.23 -17.60 -17.33
N ILE B 276 15.55 -18.11 -16.33
CA ILE B 276 14.50 -17.36 -15.65
C ILE B 276 14.87 -17.18 -14.18
N GLY B 277 14.74 -15.95 -13.69
CA GLY B 277 15.05 -15.65 -12.29
C GLY B 277 13.80 -15.29 -11.52
N THR B 278 13.76 -15.64 -10.24
CA THR B 278 12.62 -15.33 -9.38
C THR B 278 13.06 -14.34 -8.29
N ILE B 279 12.39 -13.19 -8.21
CA ILE B 279 12.73 -12.19 -7.21
C ILE B 279 11.58 -12.07 -6.20
N PRO B 280 11.92 -11.89 -4.90
CA PRO B 280 10.89 -11.78 -3.87
C PRO B 280 10.17 -10.45 -3.68
N ILE B 281 9.52 -9.98 -4.74
CA ILE B 281 8.72 -8.76 -4.66
C ILE B 281 7.50 -8.95 -5.53
N GLY B 282 6.35 -8.51 -5.02
CA GLY B 282 5.11 -8.67 -5.76
C GLY B 282 4.14 -7.53 -5.53
N TYR B 283 2.89 -7.72 -5.98
CA TYR B 283 1.90 -6.66 -5.83
C TYR B 283 1.55 -6.29 -4.39
N ALA B 284 1.70 -7.21 -3.44
CA ALA B 284 1.41 -6.87 -2.04
C ALA B 284 2.50 -5.90 -1.52
N ASP B 285 3.52 -5.68 -2.33
CA ASP B 285 4.60 -4.78 -1.95
C ASP B 285 4.42 -3.46 -2.72
N GLY B 286 3.37 -3.40 -3.53
CA GLY B 286 3.13 -2.21 -4.30
C GLY B 286 3.66 -2.33 -5.72
N TRP B 287 4.24 -3.49 -6.05
CA TRP B 287 4.75 -3.69 -7.39
C TRP B 287 3.56 -4.33 -8.12
N LEU B 288 2.61 -3.46 -8.53
CA LEU B 288 1.38 -3.88 -9.18
C LEU B 288 1.48 -4.80 -10.40
N ARG B 289 0.44 -5.61 -10.59
CA ARG B 289 0.39 -6.55 -11.71
C ARG B 289 0.54 -5.87 -13.08
N ARG B 290 0.13 -4.62 -13.15
CA ARG B 290 0.20 -3.86 -14.40
C ARG B 290 1.64 -3.70 -14.90
N LEU B 291 2.61 -3.99 -14.05
CA LEU B 291 4.02 -3.86 -14.43
C LEU B 291 4.61 -5.09 -15.11
N GLN B 292 3.74 -6.00 -15.53
CA GLN B 292 4.13 -7.24 -16.18
C GLN B 292 5.06 -7.20 -17.40
N HIS B 293 5.09 -6.12 -18.18
CA HIS B 293 6.01 -6.12 -19.32
C HIS B 293 7.14 -5.11 -19.15
N PHE B 294 7.26 -4.62 -17.92
CA PHE B 294 8.25 -3.64 -17.56
C PHE B 294 9.63 -4.28 -17.46
N HIS B 295 10.67 -3.45 -17.56
CA HIS B 295 12.05 -3.92 -17.48
C HIS B 295 12.74 -3.49 -16.19
N VAL B 296 13.36 -4.45 -15.51
CA VAL B 296 14.12 -4.16 -14.30
C VAL B 296 15.60 -4.22 -14.70
N LEU B 297 16.50 -3.93 -13.76
CA LEU B 297 17.92 -3.96 -14.06
C LEU B 297 18.62 -5.08 -13.29
N VAL B 298 19.39 -5.88 -14.03
CA VAL B 298 20.13 -6.99 -13.44
C VAL B 298 21.50 -7.01 -14.10
N ASP B 299 22.55 -6.86 -13.29
CA ASP B 299 23.92 -6.90 -13.82
C ASP B 299 24.07 -5.87 -14.94
N GLY B 300 23.63 -4.65 -14.69
CA GLY B 300 23.77 -3.58 -15.66
C GLY B 300 22.89 -3.66 -16.89
N GLN B 301 22.00 -4.64 -16.97
CA GLN B 301 21.14 -4.76 -18.14
C GLN B 301 19.65 -4.76 -17.85
N LYS B 302 18.88 -4.33 -18.84
CA LYS B 302 17.43 -4.33 -18.74
C LYS B 302 16.96 -5.75 -18.95
N ALA B 303 16.10 -6.23 -18.06
CA ALA B 303 15.56 -7.58 -18.16
C ALA B 303 14.06 -7.47 -17.95
N PRO B 304 13.26 -8.04 -18.86
CA PRO B 304 11.81 -7.98 -18.74
C PRO B 304 11.17 -8.87 -17.69
N ILE B 305 10.09 -8.38 -17.11
CA ILE B 305 9.35 -9.14 -16.14
C ILE B 305 8.47 -10.03 -17.01
N VAL B 306 8.70 -11.32 -16.90
CA VAL B 306 7.99 -12.30 -17.70
C VAL B 306 6.86 -13.02 -16.94
N GLY B 307 5.71 -13.15 -17.59
CA GLY B 307 4.57 -13.81 -16.97
C GLY B 307 3.89 -12.91 -15.95
N ARG B 308 2.79 -13.38 -15.36
CA ARG B 308 2.06 -12.60 -14.38
C ARG B 308 2.79 -12.39 -13.07
N ILE B 309 2.65 -11.18 -12.53
CA ILE B 309 3.26 -10.77 -11.26
C ILE B 309 2.42 -11.36 -10.14
N CYS B 310 3.08 -12.00 -9.18
CA CYS B 310 2.37 -12.61 -8.06
C CYS B 310 2.36 -11.69 -6.83
N MET B 311 1.64 -12.10 -5.80
CA MET B 311 1.51 -11.30 -4.58
C MET B 311 2.82 -10.96 -3.87
N ASP B 312 3.78 -11.87 -3.88
CA ASP B 312 5.05 -11.65 -3.20
C ASP B 312 6.26 -11.91 -4.10
N GLN B 313 6.03 -12.44 -5.29
CA GLN B 313 7.12 -12.76 -6.20
C GLN B 313 6.78 -12.49 -7.67
N CYS B 314 7.81 -12.37 -8.50
CA CYS B 314 7.63 -12.19 -9.94
C CYS B 314 8.85 -12.78 -10.64
N MET B 315 8.73 -13.04 -11.94
CA MET B 315 9.82 -13.63 -12.72
C MET B 315 10.37 -12.70 -13.81
N ILE B 316 11.66 -12.85 -14.10
CA ILE B 316 12.34 -12.05 -15.13
C ILE B 316 13.16 -12.93 -16.04
N ARG B 317 13.33 -12.52 -17.29
CA ARG B 317 14.14 -13.26 -18.26
C ARG B 317 15.55 -12.70 -18.15
N LEU B 318 16.47 -13.54 -17.70
CA LEU B 318 17.86 -13.15 -17.49
C LEU B 318 18.73 -13.12 -18.74
N PRO B 319 19.79 -12.30 -18.73
CA PRO B 319 20.66 -12.23 -19.89
C PRO B 319 21.40 -13.57 -20.04
N GLY B 320 21.62 -14.25 -18.92
CA GLY B 320 22.31 -15.52 -18.92
C GLY B 320 22.19 -16.16 -17.55
N PRO B 321 22.96 -17.22 -17.25
CA PRO B 321 22.84 -17.82 -15.91
C PRO B 321 23.61 -17.03 -14.85
N LEU B 322 22.89 -16.20 -14.11
CA LEU B 322 23.53 -15.41 -13.07
C LEU B 322 23.36 -16.11 -11.73
N PRO B 323 24.29 -15.91 -10.81
CA PRO B 323 24.17 -16.58 -9.51
C PRO B 323 23.04 -16.05 -8.65
N VAL B 324 22.49 -16.93 -7.82
CA VAL B 324 21.45 -16.55 -6.88
C VAL B 324 22.09 -15.50 -5.97
N GLY B 325 21.35 -14.45 -5.63
CA GLY B 325 21.90 -13.42 -4.76
C GLY B 325 22.22 -12.16 -5.53
N THR B 326 22.22 -12.27 -6.85
CA THR B 326 22.50 -11.13 -7.71
C THR B 326 21.47 -10.03 -7.49
N LYS B 327 21.95 -8.81 -7.32
CA LYS B 327 21.09 -7.65 -7.08
C LYS B 327 20.30 -7.26 -8.32
N VAL B 328 19.01 -7.02 -8.13
CA VAL B 328 18.11 -6.58 -9.18
C VAL B 328 17.57 -5.22 -8.76
N THR B 329 17.68 -4.23 -9.63
CA THR B 329 17.20 -2.89 -9.31
C THR B 329 15.92 -2.56 -10.07
N LEU B 330 14.83 -2.37 -9.34
CA LEU B 330 13.53 -2.05 -9.93
C LEU B 330 13.42 -0.56 -10.20
N ILE B 331 13.96 0.23 -9.28
CA ILE B 331 13.97 1.68 -9.40
C ILE B 331 15.34 2.14 -8.93
N GLY B 332 16.06 2.84 -9.78
CA GLY B 332 17.37 3.29 -9.37
C GLY B 332 18.39 3.16 -10.48
N ARG B 333 19.65 3.15 -10.07
CA ARG B 333 20.76 3.07 -11.00
C ARG B 333 21.57 1.81 -10.91
N GLN B 334 21.91 1.23 -12.05
CA GLN B 334 22.78 0.06 -12.05
C GLN B 334 23.85 0.36 -13.10
N GLY B 335 24.91 1.00 -12.62
CA GLY B 335 26.01 1.37 -13.47
C GLY B 335 25.64 2.36 -14.57
N ASP B 336 25.42 1.81 -15.75
CA ASP B 336 25.11 2.59 -16.93
C ASP B 336 23.62 2.95 -17.11
N GLU B 337 22.76 2.07 -16.61
CA GLU B 337 21.32 2.25 -16.75
C GLU B 337 20.62 2.85 -15.55
N VAL B 338 19.47 3.47 -15.79
CA VAL B 338 18.68 4.05 -14.73
C VAL B 338 17.19 3.91 -15.01
N ILE B 339 16.43 3.59 -13.98
CA ILE B 339 14.99 3.49 -14.07
C ILE B 339 14.58 4.51 -13.01
N SER B 340 13.86 5.54 -13.41
CA SER B 340 13.41 6.54 -12.47
C SER B 340 11.98 6.22 -12.11
N ILE B 341 11.46 6.93 -11.11
CA ILE B 341 10.09 6.72 -10.70
C ILE B 341 9.16 7.18 -11.84
N ASP B 342 9.65 8.10 -12.68
CA ASP B 342 8.85 8.60 -13.79
C ASP B 342 8.69 7.49 -14.83
N ASP B 343 9.65 6.57 -14.88
CA ASP B 343 9.61 5.46 -15.82
C ASP B 343 8.55 4.46 -15.37
N VAL B 344 8.48 4.21 -14.08
CA VAL B 344 7.49 3.29 -13.54
C VAL B 344 6.09 3.89 -13.71
N ALA B 345 5.98 5.18 -13.43
CA ALA B 345 4.69 5.86 -13.54
C ALA B 345 4.17 5.82 -14.98
N ARG B 346 5.09 5.95 -15.94
CA ARG B 346 4.73 5.93 -17.35
C ARG B 346 4.11 4.58 -17.70
N HIS B 347 4.71 3.49 -17.22
CA HIS B 347 4.20 2.16 -17.51
C HIS B 347 2.85 1.90 -16.81
N LEU B 348 2.70 2.43 -15.59
CA LEU B 348 1.46 2.25 -14.82
C LEU B 348 0.39 3.24 -15.25
N GLU B 349 0.74 4.13 -16.17
CA GLU B 349 -0.19 5.14 -16.63
C GLU B 349 -0.68 6.00 -15.49
N THR B 350 0.26 6.52 -14.70
CA THR B 350 -0.10 7.38 -13.59
C THR B 350 0.96 8.47 -13.43
N ILE B 351 0.91 9.22 -12.33
CA ILE B 351 1.88 10.29 -12.10
C ILE B 351 2.85 9.82 -11.04
N ASN B 352 4.06 10.35 -11.04
CA ASN B 352 5.08 9.93 -10.08
C ASN B 352 4.62 9.93 -8.61
N TYR B 353 3.74 10.86 -8.24
CA TYR B 353 3.22 10.96 -6.87
C TYR B 353 2.74 9.62 -6.32
N GLU B 354 2.01 8.90 -7.14
CA GLU B 354 1.43 7.63 -6.74
C GLU B 354 2.38 6.46 -6.50
N VAL B 355 3.49 6.43 -7.21
CA VAL B 355 4.43 5.31 -7.10
C VAL B 355 5.05 5.05 -5.72
N PRO B 356 5.87 5.98 -5.19
CA PRO B 356 6.44 5.66 -3.88
C PRO B 356 5.38 5.44 -2.81
N CYS B 357 4.24 6.10 -2.95
CA CYS B 357 3.12 5.96 -2.01
C CYS B 357 2.57 4.55 -1.99
N THR B 358 2.65 3.88 -3.14
CA THR B 358 2.13 2.53 -3.23
C THR B 358 3.09 1.45 -2.72
N ILE B 359 4.39 1.72 -2.72
CA ILE B 359 5.35 0.74 -2.21
C ILE B 359 4.95 0.60 -0.73
N SER B 360 4.42 -0.58 -0.37
CA SER B 360 3.88 -0.86 0.95
C SER B 360 4.76 -0.95 2.19
N TYR B 361 4.05 -1.05 3.32
CA TYR B 361 4.63 -1.16 4.66
C TYR B 361 5.55 -2.38 4.74
N ARG B 362 5.28 -3.36 3.90
CA ARG B 362 6.05 -4.61 3.88
C ARG B 362 7.50 -4.42 3.41
N VAL B 363 7.76 -3.33 2.71
CA VAL B 363 9.10 -3.08 2.19
C VAL B 363 9.92 -2.21 3.13
N PRO B 364 11.05 -2.74 3.64
CA PRO B 364 11.89 -1.96 4.55
C PRO B 364 12.50 -0.74 3.85
N ARG B 365 12.75 0.32 4.62
CA ARG B 365 13.38 1.50 4.06
C ARG B 365 14.75 1.65 4.73
N ILE B 366 15.81 1.73 3.93
CA ILE B 366 17.15 1.92 4.45
C ILE B 366 17.49 3.37 4.16
N PHE B 367 17.91 4.09 5.20
CA PHE B 367 18.22 5.51 5.06
C PHE B 367 19.71 5.83 5.00
N PHE B 368 20.08 6.72 4.08
CA PHE B 368 21.46 7.15 3.94
C PHE B 368 21.54 8.65 4.25
N ARG B 369 22.56 9.02 5.02
CA ARG B 369 22.78 10.43 5.39
C ARG B 369 24.30 10.60 5.48
N HIS B 370 24.81 11.67 4.89
CA HIS B 370 26.25 11.91 4.90
C HIS B 370 26.96 10.69 4.30
N LYS B 371 26.35 10.13 3.25
CA LYS B 371 26.87 9.00 2.51
C LYS B 371 27.11 7.72 3.29
N ARG B 372 26.45 7.56 4.43
CA ARG B 372 26.62 6.35 5.21
C ARG B 372 25.23 5.82 5.57
N ILE B 373 25.14 4.51 5.82
CA ILE B 373 23.86 3.96 6.22
C ILE B 373 23.61 4.56 7.60
N MET B 374 22.40 5.06 7.78
CA MET B 374 22.03 5.70 9.01
C MET B 374 21.01 4.87 9.79
N GLU B 375 20.01 4.35 9.10
CA GLU B 375 18.95 3.63 9.78
C GLU B 375 18.16 2.69 8.87
N VAL B 376 17.56 1.68 9.48
CA VAL B 376 16.73 0.69 8.78
C VAL B 376 15.38 0.69 9.45
N ARG B 377 14.34 0.97 8.68
CA ARG B 377 12.97 1.00 9.18
C ARG B 377 12.17 -0.15 8.56
N ASN B 378 11.77 -1.10 9.40
CA ASN B 378 11.00 -2.26 8.95
C ASN B 378 9.67 -2.26 9.69
N ALA B 379 8.60 -1.92 8.98
CA ALA B 379 7.26 -1.84 9.57
C ALA B 379 6.67 -3.11 10.23
N ILE B 380 7.03 -4.30 9.79
CA ILE B 380 6.47 -5.51 10.41
C ILE B 380 7.46 -6.34 11.20
#